data_2AS0
#
_entry.id   2AS0
#
_cell.length_a   70.513
_cell.length_b   86.161
_cell.length_c   76.693
_cell.angle_alpha   90.00
_cell.angle_beta   114.16
_cell.angle_gamma   90.00
#
_symmetry.space_group_name_H-M   'P 1 21 1'
#
loop_
_entity.id
_entity.type
_entity.pdbx_description
1 polymer 'hypothetical protein PH1915'
2 water water
#
_entity_poly.entity_id   1
_entity_poly.type   'polypeptide(L)'
_entity_poly.pdbx_seq_one_letter_code
;(MSE)ARVVVDAQAARAIGKGA(MSE)IVFKKGVVRVEGDIKPGDIVEVYTRGGKFLGKGFANPNSNI(MSE)VRIVTKD
KDVEINKDLFKRRIKKANEYRKKVLKYTNVYR(MSE)VYGEADYLPGLIVDRFNDIASLQISSAG(MSE)ERFKLDVAEA
I(MSE)EVEPGIETVFEKNTGRSRRREGLPEIERVLLGKEKYRTIIQEGRAKFIVD(MSE)RGQKTGFFLDQRENRLALE
KWVQPGDRVLDVFTYTGGFAIHAAIAGADEVIGIDKSPRAIETAKENAKLNGVEDR(MSE)KFIVGSAFEE(MSE)EKLQ
KKGEKFDIVVLDPPAFVQHEKDLKAGLRAYFNVNFAGLNLVKDGGILVTCSCSQHVDLQ(MSE)FKD(MSE)IIAAGAKA
GKFLK(MSE)LEPYRTQAPDHPIL(MSE)ASKDTEYLKCLFLYVED(MSE)R
;
_entity_poly.pdbx_strand_id   A,B
#
# COMPACT_ATOMS: atom_id res chain seq x y z
N ALA A 2 -41.21 -5.04 -13.89
CA ALA A 2 -40.67 -6.39 -13.97
C ALA A 2 -39.97 -6.84 -12.68
N ARG A 3 -39.99 -8.13 -12.43
CA ARG A 3 -39.38 -8.70 -11.24
C ARG A 3 -38.31 -9.71 -11.65
N VAL A 4 -37.12 -9.55 -11.12
CA VAL A 4 -36.03 -10.46 -11.40
C VAL A 4 -35.82 -11.34 -10.17
N VAL A 5 -36.07 -12.63 -10.31
CA VAL A 5 -35.91 -13.57 -9.20
C VAL A 5 -34.50 -14.14 -9.28
N VAL A 6 -33.79 -14.13 -8.16
CA VAL A 6 -32.41 -14.64 -8.15
C VAL A 6 -32.24 -15.85 -7.24
N ASP A 7 -31.16 -16.59 -7.45
CA ASP A 7 -30.92 -17.79 -6.65
C ASP A 7 -30.26 -17.51 -5.30
N ALA A 8 -30.11 -18.55 -4.49
CA ALA A 8 -29.54 -18.43 -3.16
C ALA A 8 -28.16 -17.78 -3.13
N GLN A 9 -27.28 -18.19 -4.04
CA GLN A 9 -25.95 -17.63 -4.08
C GLN A 9 -26.00 -16.12 -4.34
N ALA A 10 -26.81 -15.73 -5.31
CA ALA A 10 -26.97 -14.33 -5.68
C ALA A 10 -27.54 -13.52 -4.51
N ALA A 11 -28.55 -14.06 -3.84
CA ALA A 11 -29.17 -13.37 -2.71
C ALA A 11 -28.20 -13.24 -1.54
N ARG A 12 -27.43 -14.29 -1.31
CA ARG A 12 -26.45 -14.29 -0.22
C ARG A 12 -25.42 -13.18 -0.44
N ALA A 13 -24.96 -13.06 -1.69
CA ALA A 13 -23.97 -12.03 -2.04
C ALA A 13 -24.52 -10.63 -1.79
N ILE A 14 -25.77 -10.40 -2.18
CA ILE A 14 -26.41 -9.11 -1.99
C ILE A 14 -26.56 -8.83 -0.49
N GLY A 15 -26.85 -9.87 0.27
CA GLY A 15 -26.99 -9.71 1.71
C GLY A 15 -25.69 -9.23 2.34
N LYS A 16 -24.57 -9.56 1.70
CA LYS A 16 -23.27 -9.18 2.22
C LYS A 16 -22.78 -7.84 1.65
N GLY A 17 -23.59 -7.18 0.85
CA GLY A 17 -23.19 -5.90 0.30
C GLY A 17 -23.07 -5.77 -1.21
N ALA A 18 -23.18 -6.87 -1.94
CA ALA A 18 -23.09 -6.81 -3.39
C ALA A 18 -24.23 -5.96 -3.92
N ILE A 20 -24.97 -5.95 -7.37
CA ILE A 20 -25.19 -6.39 -8.74
C ILE A 20 -25.76 -7.79 -8.79
N VAL A 21 -26.51 -8.06 -9.85
CA VAL A 21 -27.09 -9.39 -10.07
C VAL A 21 -26.47 -9.86 -11.37
N PHE A 22 -25.75 -10.97 -11.34
CA PHE A 22 -25.12 -11.51 -12.53
C PHE A 22 -26.13 -12.38 -13.27
N LYS A 23 -25.99 -12.46 -14.59
CA LYS A 23 -26.88 -13.26 -15.40
C LYS A 23 -26.96 -14.68 -14.83
N LYS A 24 -25.83 -15.24 -14.43
CA LYS A 24 -25.80 -16.61 -13.89
C LYS A 24 -26.63 -16.78 -12.62
N GLY A 25 -26.98 -15.68 -11.96
CA GLY A 25 -27.77 -15.78 -10.74
C GLY A 25 -29.26 -15.59 -10.95
N VAL A 26 -29.68 -15.35 -12.17
CA VAL A 26 -31.09 -15.13 -12.46
C VAL A 26 -31.85 -16.44 -12.66
N VAL A 27 -32.86 -16.67 -11.83
CA VAL A 27 -33.67 -17.88 -11.93
C VAL A 27 -34.71 -17.66 -13.02
N ARG A 28 -35.38 -16.53 -12.98
CA ARG A 28 -36.40 -16.20 -13.97
C ARG A 28 -36.78 -14.73 -13.88
N VAL A 29 -37.48 -14.25 -14.90
CA VAL A 29 -37.91 -12.86 -14.93
C VAL A 29 -39.42 -12.81 -15.12
N GLU A 30 -40.10 -12.02 -14.29
CA GLU A 30 -41.54 -11.88 -14.39
C GLU A 30 -41.86 -10.52 -15.00
N GLY A 31 -42.29 -10.53 -16.25
CA GLY A 31 -42.61 -9.30 -16.95
C GLY A 31 -41.59 -9.04 -18.04
N ASP A 32 -41.92 -8.18 -19.00
CA ASP A 32 -40.99 -7.86 -20.08
C ASP A 32 -39.92 -6.88 -19.63
N ILE A 33 -38.73 -7.02 -20.18
CA ILE A 33 -37.62 -6.14 -19.85
C ILE A 33 -36.80 -5.78 -21.09
N LYS A 34 -36.46 -4.52 -21.22
CA LYS A 34 -35.63 -4.06 -22.33
C LYS A 34 -34.44 -3.36 -21.68
N PRO A 35 -33.29 -3.34 -22.34
CA PRO A 35 -32.11 -2.68 -21.78
C PRO A 35 -32.41 -1.29 -21.21
N GLY A 36 -31.98 -1.06 -19.97
CA GLY A 36 -32.20 0.24 -19.35
C GLY A 36 -33.40 0.37 -18.41
N ASP A 37 -34.32 -0.59 -18.46
CA ASP A 37 -35.50 -0.55 -17.60
C ASP A 37 -35.14 -0.69 -16.12
N ILE A 38 -35.96 -0.07 -15.27
CA ILE A 38 -35.76 -0.17 -13.84
C ILE A 38 -36.60 -1.38 -13.42
N VAL A 39 -35.98 -2.31 -12.69
CA VAL A 39 -36.67 -3.53 -12.27
C VAL A 39 -36.43 -3.79 -10.79
N GLU A 40 -37.22 -4.68 -10.22
CA GLU A 40 -37.07 -5.04 -8.82
C GLU A 40 -36.46 -6.44 -8.73
N VAL A 41 -35.67 -6.67 -7.69
CA VAL A 41 -35.00 -7.96 -7.49
C VAL A 41 -35.57 -8.66 -6.26
N TYR A 42 -35.89 -9.95 -6.43
CA TYR A 42 -36.48 -10.77 -5.36
C TYR A 42 -35.81 -12.14 -5.23
N THR A 43 -35.90 -12.73 -4.04
CA THR A 43 -35.38 -14.07 -3.82
C THR A 43 -36.49 -15.01 -4.29
N ARG A 44 -36.22 -16.30 -4.34
CA ARG A 44 -37.22 -17.28 -4.75
C ARG A 44 -38.40 -17.22 -3.76
N GLY A 45 -38.08 -16.89 -2.51
CA GLY A 45 -39.08 -16.80 -1.46
C GLY A 45 -39.93 -15.54 -1.51
N GLY A 46 -39.67 -14.67 -2.47
CA GLY A 46 -40.45 -13.45 -2.60
C GLY A 46 -39.99 -12.26 -1.78
N LYS A 47 -38.78 -12.35 -1.23
CA LYS A 47 -38.21 -11.26 -0.44
C LYS A 47 -37.56 -10.21 -1.34
N PHE A 48 -37.97 -8.96 -1.17
CA PHE A 48 -37.43 -7.85 -1.95
C PHE A 48 -35.97 -7.61 -1.56
N LEU A 49 -35.10 -7.57 -2.56
CA LEU A 49 -33.67 -7.35 -2.35
C LEU A 49 -33.22 -5.97 -2.79
N GLY A 50 -33.92 -5.39 -3.75
CA GLY A 50 -33.55 -4.07 -4.23
C GLY A 50 -34.12 -3.73 -5.60
N LYS A 51 -33.87 -2.49 -6.04
CA LYS A 51 -34.37 -2.02 -7.31
C LYS A 51 -33.19 -1.41 -8.07
N GLY A 52 -33.16 -1.61 -9.39
CA GLY A 52 -32.06 -1.07 -10.16
C GLY A 52 -32.19 -1.17 -11.67
N PHE A 53 -31.10 -0.86 -12.36
CA PHE A 53 -31.03 -0.86 -13.82
C PHE A 53 -30.80 -2.25 -14.40
N ALA A 54 -31.64 -2.64 -15.34
CA ALA A 54 -31.52 -3.95 -15.95
C ALA A 54 -30.99 -3.93 -17.38
N ASN A 55 -30.31 -5.01 -17.74
CA ASN A 55 -29.80 -5.19 -19.09
C ASN A 55 -29.75 -6.70 -19.34
N PRO A 56 -30.80 -7.26 -19.95
CA PRO A 56 -30.86 -8.68 -20.22
C PRO A 56 -29.77 -9.20 -21.15
N ASN A 57 -29.07 -8.29 -21.84
CA ASN A 57 -28.02 -8.68 -22.75
C ASN A 57 -26.62 -8.60 -22.16
N SER A 58 -26.53 -8.31 -20.87
CA SER A 58 -25.25 -8.18 -20.21
C SER A 58 -24.97 -9.20 -19.10
N ASN A 59 -23.69 -9.51 -18.91
CA ASN A 59 -23.24 -10.43 -17.87
C ASN A 59 -23.76 -9.88 -16.55
N ILE A 60 -23.81 -8.56 -16.46
CA ILE A 60 -24.31 -7.88 -15.28
C ILE A 60 -25.75 -7.50 -15.61
N VAL A 62 -28.37 -6.86 -13.53
CA VAL A 62 -28.96 -5.76 -12.76
C VAL A 62 -27.95 -5.05 -11.89
N ARG A 63 -27.95 -3.73 -11.94
CA ARG A 63 -27.08 -2.91 -11.11
C ARG A 63 -28.05 -2.31 -10.10
N ILE A 64 -27.99 -2.77 -8.86
CA ILE A 64 -28.89 -2.28 -7.82
C ILE A 64 -28.62 -0.82 -7.46
N VAL A 65 -29.68 -0.02 -7.48
CA VAL A 65 -29.58 1.40 -7.18
C VAL A 65 -30.06 1.70 -5.77
N THR A 66 -31.09 0.99 -5.32
CA THR A 66 -31.60 1.21 -3.98
C THR A 66 -32.16 -0.07 -3.38
N LYS A 67 -31.94 -0.25 -2.09
CA LYS A 67 -32.44 -1.43 -1.39
C LYS A 67 -33.71 -1.09 -0.63
N ASP A 68 -34.21 0.13 -0.85
CA ASP A 68 -35.43 0.58 -0.20
C ASP A 68 -36.53 0.59 -1.27
N LYS A 69 -37.54 -0.23 -1.05
CA LYS A 69 -38.66 -0.35 -1.97
C LYS A 69 -39.39 0.96 -2.25
N ASP A 70 -39.51 1.82 -1.24
CA ASP A 70 -40.21 3.08 -1.40
C ASP A 70 -39.40 4.21 -2.03
N VAL A 71 -38.11 4.01 -2.24
CA VAL A 71 -37.28 5.06 -2.83
C VAL A 71 -37.41 5.13 -4.34
N GLU A 72 -37.78 6.31 -4.83
CA GLU A 72 -37.94 6.52 -6.26
C GLU A 72 -36.60 6.83 -6.91
N ILE A 73 -36.34 6.23 -8.05
CA ILE A 73 -35.09 6.48 -8.77
C ILE A 73 -35.33 7.59 -9.77
N ASN A 74 -34.81 8.77 -9.47
CA ASN A 74 -34.96 9.94 -10.34
C ASN A 74 -33.84 10.95 -10.11
N LYS A 75 -33.92 12.08 -10.79
CA LYS A 75 -32.90 13.12 -10.66
C LYS A 75 -32.57 13.51 -9.23
N ASP A 76 -33.59 13.65 -8.39
CA ASP A 76 -33.36 14.04 -6.99
C ASP A 76 -32.50 13.03 -6.23
N LEU A 77 -32.71 11.75 -6.49
CA LEU A 77 -31.92 10.72 -5.82
C LEU A 77 -30.47 10.82 -6.27
N PHE A 78 -30.26 10.99 -7.57
CA PHE A 78 -28.90 11.09 -8.09
C PHE A 78 -28.22 12.38 -7.67
N LYS A 79 -28.98 13.47 -7.59
CA LYS A 79 -28.41 14.75 -7.17
C LYS A 79 -27.91 14.65 -5.75
N ARG A 80 -28.68 13.99 -4.88
CA ARG A 80 -28.26 13.83 -3.49
C ARG A 80 -26.99 12.98 -3.42
N ARG A 81 -26.90 11.95 -4.25
CA ARG A 81 -25.72 11.10 -4.25
C ARG A 81 -24.51 11.78 -4.87
N ILE A 82 -24.74 12.58 -5.91
CA ILE A 82 -23.64 13.29 -6.54
C ILE A 82 -23.10 14.32 -5.54
N LYS A 83 -23.99 14.95 -4.78
CA LYS A 83 -23.54 15.93 -3.79
C LYS A 83 -22.69 15.23 -2.74
N LYS A 84 -23.15 14.07 -2.31
CA LYS A 84 -22.43 13.29 -1.30
C LYS A 84 -21.05 12.91 -1.84
N ALA A 85 -21.00 12.47 -3.10
CA ALA A 85 -19.74 12.08 -3.71
C ALA A 85 -18.78 13.28 -3.78
N ASN A 86 -19.29 14.42 -4.21
CA ASN A 86 -18.48 15.63 -4.32
C ASN A 86 -17.94 16.05 -2.94
N GLU A 87 -18.80 16.06 -1.93
CA GLU A 87 -18.38 16.44 -0.59
C GLU A 87 -17.29 15.51 -0.04
N TYR A 88 -17.35 14.24 -0.42
CA TYR A 88 -16.35 13.27 0.02
C TYR A 88 -14.97 13.71 -0.47
N ARG A 89 -14.88 14.11 -1.73
CA ARG A 89 -13.60 14.56 -2.27
C ARG A 89 -13.12 15.86 -1.63
N LYS A 90 -14.01 16.82 -1.49
CA LYS A 90 -13.61 18.11 -0.94
C LYS A 90 -13.43 18.18 0.57
N LYS A 91 -14.29 17.48 1.31
CA LYS A 91 -14.24 17.52 2.77
C LYS A 91 -13.45 16.39 3.45
N VAL A 92 -13.48 15.20 2.87
CA VAL A 92 -12.73 14.09 3.46
C VAL A 92 -11.33 13.95 2.86
N LEU A 93 -11.27 13.85 1.53
CA LEU A 93 -9.98 13.71 0.85
C LEU A 93 -9.24 15.05 0.75
N LYS A 94 -9.98 16.14 0.88
CA LYS A 94 -9.41 17.49 0.83
C LYS A 94 -8.81 17.83 -0.53
N TYR A 95 -9.43 17.32 -1.59
CA TYR A 95 -8.97 17.61 -2.93
C TYR A 95 -9.66 18.92 -3.34
N THR A 96 -9.01 19.67 -4.21
CA THR A 96 -9.58 20.93 -4.66
C THR A 96 -9.41 21.12 -6.15
N ASN A 97 -10.47 21.60 -6.79
CA ASN A 97 -10.48 21.88 -8.23
C ASN A 97 -10.35 20.73 -9.21
N VAL A 98 -9.49 19.76 -8.91
CA VAL A 98 -9.27 18.64 -9.83
C VAL A 98 -9.34 17.29 -9.12
N TYR A 99 -10.31 16.46 -9.52
CA TYR A 99 -10.49 15.15 -8.92
C TYR A 99 -11.59 14.37 -9.62
N ARG A 100 -11.61 13.05 -9.40
CA ARG A 100 -12.69 12.25 -9.96
C ARG A 100 -13.81 12.47 -8.96
N VAL A 102 -17.20 11.31 -9.27
CA VAL A 102 -18.05 10.14 -9.14
C VAL A 102 -17.37 8.92 -9.75
N TYR A 103 -17.32 7.82 -9.00
CA TYR A 103 -16.71 6.59 -9.47
C TYR A 103 -17.70 5.42 -9.36
N GLY A 104 -18.72 5.46 -10.21
CA GLY A 104 -19.73 4.41 -10.25
C GLY A 104 -20.30 3.87 -8.95
N GLU A 105 -20.30 2.54 -8.84
CA GLU A 105 -20.82 1.83 -7.68
C GLU A 105 -20.24 2.28 -6.33
N ALA A 106 -18.97 2.70 -6.34
CA ALA A 106 -18.32 3.14 -5.12
C ALA A 106 -19.05 4.35 -4.52
N ASP A 107 -19.74 5.11 -5.39
CA ASP A 107 -20.49 6.28 -4.94
C ASP A 107 -21.99 6.05 -5.08
N TYR A 108 -22.38 4.79 -5.21
CA TYR A 108 -23.78 4.41 -5.32
C TYR A 108 -24.46 5.00 -6.54
N LEU A 109 -23.69 5.14 -7.61
CA LEU A 109 -24.17 5.68 -8.87
C LEU A 109 -23.65 4.76 -9.96
N PRO A 110 -24.14 3.52 -9.99
CA PRO A 110 -23.71 2.53 -10.99
C PRO A 110 -23.76 2.98 -12.44
N GLY A 111 -22.65 2.79 -13.14
CA GLY A 111 -22.57 3.15 -14.53
C GLY A 111 -22.19 4.60 -14.81
N LEU A 112 -21.94 5.38 -13.76
CA LEU A 112 -21.58 6.79 -13.95
C LEU A 112 -20.19 7.14 -13.43
N ILE A 113 -19.42 7.82 -14.27
CA ILE A 113 -18.09 8.29 -13.89
C ILE A 113 -18.03 9.77 -14.26
N VAL A 114 -17.62 10.60 -13.31
CA VAL A 114 -17.51 12.03 -13.55
C VAL A 114 -16.16 12.52 -13.05
N ASP A 115 -15.40 13.20 -13.91
CA ASP A 115 -14.10 13.75 -13.55
C ASP A 115 -14.17 15.27 -13.60
N ARG A 116 -13.65 15.93 -12.57
CA ARG A 116 -13.66 17.37 -12.55
C ARG A 116 -12.26 17.92 -12.83
N PHE A 117 -12.18 18.78 -13.85
CA PHE A 117 -10.92 19.42 -14.25
C PHE A 117 -11.22 20.92 -14.15
N ASN A 118 -11.08 21.47 -12.94
CA ASN A 118 -11.35 22.88 -12.67
C ASN A 118 -12.82 23.21 -12.92
N ASP A 119 -13.11 23.98 -13.97
CA ASP A 119 -14.48 24.36 -14.26
C ASP A 119 -15.14 23.49 -15.33
N ILE A 120 -14.47 22.40 -15.71
CA ILE A 120 -15.01 21.48 -16.70
C ILE A 120 -15.16 20.08 -16.10
N ALA A 121 -16.33 19.48 -16.30
CA ALA A 121 -16.57 18.14 -15.81
C ALA A 121 -16.81 17.23 -17.01
N SER A 122 -16.18 16.06 -16.99
CA SER A 122 -16.36 15.09 -18.07
C SER A 122 -17.29 14.04 -17.51
N LEU A 123 -18.21 13.58 -18.35
CA LEU A 123 -19.18 12.59 -17.94
C LEU A 123 -19.08 11.36 -18.82
N GLN A 124 -19.14 10.18 -18.18
CA GLN A 124 -19.08 8.91 -18.90
C GLN A 124 -20.10 7.98 -18.29
N ILE A 125 -20.99 7.44 -19.12
CA ILE A 125 -22.02 6.53 -18.66
C ILE A 125 -21.87 5.17 -19.35
N SER A 126 -21.87 4.09 -18.57
CA SER A 126 -21.71 2.75 -19.14
C SER A 126 -22.84 1.79 -18.76
N SER A 127 -23.98 2.36 -18.38
CA SER A 127 -25.16 1.57 -18.03
C SER A 127 -26.32 2.13 -18.86
N ALA A 128 -27.03 1.26 -19.56
CA ALA A 128 -28.16 1.71 -20.38
C ALA A 128 -29.22 2.37 -19.51
N GLY A 129 -29.36 1.90 -18.27
CA GLY A 129 -30.34 2.47 -17.37
C GLY A 129 -29.97 3.88 -16.95
N GLU A 131 -28.09 5.83 -18.65
CA GLU A 131 -28.09 6.68 -19.85
C GLU A 131 -29.40 7.44 -19.97
N ARG A 132 -30.49 6.85 -19.49
CA ARG A 132 -31.80 7.51 -19.58
C ARG A 132 -31.85 8.77 -18.72
N PHE A 133 -30.94 8.88 -17.76
CA PHE A 133 -30.90 10.05 -16.88
C PHE A 133 -29.71 10.95 -17.17
N LYS A 134 -29.11 10.80 -18.35
CA LYS A 134 -27.93 11.58 -18.70
C LYS A 134 -28.08 13.08 -18.50
N LEU A 135 -29.09 13.68 -19.11
CA LEU A 135 -29.27 15.12 -18.97
C LEU A 135 -29.56 15.53 -17.53
N ASP A 136 -30.38 14.75 -16.83
CA ASP A 136 -30.69 15.07 -15.44
C ASP A 136 -29.40 15.04 -14.60
N VAL A 137 -28.52 14.10 -14.92
CA VAL A 137 -27.24 13.98 -14.22
C VAL A 137 -26.37 15.20 -14.51
N ALA A 138 -26.33 15.62 -15.77
CA ALA A 138 -25.52 16.78 -16.16
C ALA A 138 -25.99 18.02 -15.42
N GLU A 139 -27.30 18.20 -15.34
CA GLU A 139 -27.86 19.35 -14.63
C GLU A 139 -27.52 19.27 -13.14
N ALA A 140 -27.66 18.08 -12.55
CA ALA A 140 -27.36 17.90 -11.14
C ALA A 140 -25.92 18.24 -10.79
N ILE A 141 -24.98 17.87 -11.66
CA ILE A 141 -23.58 18.14 -11.43
C ILE A 141 -23.35 19.64 -11.25
N GLU A 143 -25.55 21.83 -10.49
CA GLU A 143 -26.35 22.35 -9.40
C GLU A 143 -25.68 22.14 -8.03
N VAL A 144 -24.95 21.04 -7.88
CA VAL A 144 -24.29 20.77 -6.61
C VAL A 144 -22.87 21.32 -6.56
N GLU A 145 -22.27 21.55 -7.73
CA GLU A 145 -20.92 22.08 -7.78
C GLU A 145 -20.88 23.31 -8.70
N PRO A 146 -21.17 24.49 -8.15
CA PRO A 146 -21.17 25.74 -8.92
C PRO A 146 -19.83 26.04 -9.60
N GLY A 147 -18.78 25.38 -9.14
CA GLY A 147 -17.46 25.59 -9.73
C GLY A 147 -17.41 25.06 -11.15
N ILE A 148 -18.33 24.16 -11.49
CA ILE A 148 -18.39 23.57 -12.83
C ILE A 148 -19.27 24.44 -13.74
N GLU A 149 -18.71 24.88 -14.86
CA GLU A 149 -19.45 25.72 -15.81
C GLU A 149 -19.72 24.97 -17.11
N THR A 150 -19.13 23.79 -17.24
CA THR A 150 -19.29 22.98 -18.44
C THR A 150 -19.30 21.49 -18.14
N VAL A 151 -20.24 20.76 -18.75
CA VAL A 151 -20.29 19.31 -18.61
C VAL A 151 -20.04 18.77 -20.00
N PHE A 152 -18.91 18.09 -20.15
CA PHE A 152 -18.53 17.54 -21.44
C PHE A 152 -18.77 16.03 -21.45
N GLU A 153 -19.56 15.56 -22.39
CA GLU A 153 -19.86 14.15 -22.51
C GLU A 153 -18.73 13.42 -23.23
N LYS A 154 -18.06 12.54 -22.51
CA LYS A 154 -16.97 11.76 -23.07
C LYS A 154 -17.43 10.30 -23.02
N ASN A 155 -18.47 10.00 -23.80
CA ASN A 155 -19.02 8.66 -23.82
C ASN A 155 -18.37 7.77 -24.86
N THR A 156 -17.12 7.41 -24.59
CA THR A 156 -16.35 6.55 -25.46
C THR A 156 -15.58 5.59 -24.57
N GLY A 157 -15.03 4.53 -25.15
CA GLY A 157 -14.27 3.58 -24.35
C GLY A 157 -14.84 2.17 -24.33
N ARG A 158 -14.06 1.25 -23.77
CA ARG A 158 -14.44 -0.16 -23.66
C ARG A 158 -15.74 -0.38 -22.90
N SER A 159 -15.88 0.27 -21.75
CA SER A 159 -17.09 0.15 -20.93
C SER A 159 -18.32 0.56 -21.73
N ARG A 160 -18.23 1.73 -22.34
CA ARG A 160 -19.31 2.28 -23.14
C ARG A 160 -19.74 1.29 -24.22
N ARG A 161 -18.76 0.78 -24.97
CA ARG A 161 -19.02 -0.16 -26.06
C ARG A 161 -19.52 -1.52 -25.57
N ARG A 162 -19.03 -1.96 -24.41
CA ARG A 162 -19.43 -3.23 -23.83
C ARG A 162 -20.94 -3.27 -23.59
N GLU A 163 -21.48 -2.13 -23.16
CA GLU A 163 -22.90 -2.01 -22.87
C GLU A 163 -23.72 -1.82 -24.16
N GLY A 164 -23.03 -1.65 -25.27
CA GLY A 164 -23.72 -1.48 -26.54
C GLY A 164 -24.29 -0.09 -26.78
N LEU A 165 -23.79 0.89 -26.03
CA LEU A 165 -24.25 2.26 -26.16
C LEU A 165 -23.45 3.00 -27.23
N PRO A 166 -24.10 3.90 -27.97
CA PRO A 166 -23.37 4.63 -29.02
C PRO A 166 -22.30 5.54 -28.41
N GLU A 167 -21.21 5.73 -29.14
CA GLU A 167 -20.12 6.57 -28.65
C GLU A 167 -20.44 8.00 -29.03
N ILE A 168 -20.43 8.87 -28.01
CA ILE A 168 -20.76 10.27 -28.19
C ILE A 168 -19.76 11.15 -27.46
N GLU A 169 -19.29 12.21 -28.12
CA GLU A 169 -18.36 13.16 -27.52
C GLU A 169 -18.85 14.54 -27.91
N ARG A 170 -19.16 15.36 -26.90
CA ARG A 170 -19.67 16.70 -27.16
C ARG A 170 -19.90 17.46 -25.86
N VAL A 171 -20.01 18.78 -25.97
CA VAL A 171 -20.33 19.60 -24.82
C VAL A 171 -21.78 19.20 -24.59
N LEU A 172 -22.11 18.79 -23.37
CA LEU A 172 -23.46 18.38 -23.06
C LEU A 172 -24.28 19.50 -22.45
N LEU A 173 -23.65 20.30 -21.60
CA LEU A 173 -24.33 21.39 -20.92
C LEU A 173 -23.34 22.47 -20.50
N GLY A 174 -23.81 23.71 -20.42
CA GLY A 174 -22.93 24.79 -20.00
C GLY A 174 -22.19 25.49 -21.12
N LYS A 175 -21.11 26.18 -20.75
CA LYS A 175 -20.29 26.91 -21.70
C LYS A 175 -19.53 25.97 -22.62
N GLU A 176 -19.33 26.41 -23.87
CA GLU A 176 -18.61 25.58 -24.82
C GLU A 176 -17.10 25.73 -24.61
N LYS A 177 -16.61 25.06 -23.56
CA LYS A 177 -15.20 25.09 -23.20
C LYS A 177 -14.71 23.64 -23.17
N TYR A 178 -13.49 23.40 -23.63
CA TYR A 178 -12.97 22.04 -23.65
C TYR A 178 -11.50 21.89 -23.29
N ARG A 179 -10.86 22.97 -22.85
CA ARG A 179 -9.45 22.93 -22.50
C ARG A 179 -9.17 23.74 -21.23
N THR A 180 -8.33 23.20 -20.35
CA THR A 180 -8.02 23.90 -19.12
C THR A 180 -6.65 23.46 -18.62
N ILE A 181 -6.03 24.29 -17.78
CA ILE A 181 -4.73 23.96 -17.22
C ILE A 181 -4.94 23.57 -15.78
N ILE A 182 -4.62 22.32 -15.42
CA ILE A 182 -4.80 21.88 -14.06
C ILE A 182 -3.49 21.88 -13.28
N GLN A 183 -3.61 21.99 -11.97
CA GLN A 183 -2.46 22.02 -11.08
C GLN A 183 -2.45 20.76 -10.23
N GLU A 184 -1.33 20.04 -10.25
CA GLU A 184 -1.16 18.83 -9.45
C GLU A 184 0.14 19.03 -8.69
N GLY A 185 0.05 19.38 -7.42
CA GLY A 185 1.25 19.66 -6.67
C GLY A 185 1.78 20.95 -7.26
N ARG A 186 3.06 20.96 -7.63
CA ARG A 186 3.67 22.14 -8.22
C ARG A 186 3.63 22.08 -9.75
N ALA A 187 3.16 20.94 -10.27
CA ALA A 187 3.10 20.73 -11.72
C ALA A 187 1.79 21.20 -12.37
N LYS A 188 1.91 21.61 -13.63
CA LYS A 188 0.75 22.07 -14.40
C LYS A 188 0.60 21.15 -15.62
N PHE A 189 -0.65 20.89 -15.99
CA PHE A 189 -0.89 20.03 -17.13
C PHE A 189 -2.04 20.54 -17.98
N ILE A 190 -1.88 20.43 -19.29
CA ILE A 190 -2.91 20.86 -20.23
C ILE A 190 -3.91 19.71 -20.38
N VAL A 191 -5.17 20.01 -20.12
CA VAL A 191 -6.24 19.03 -20.23
C VAL A 191 -7.20 19.49 -21.31
N ASP A 192 -7.40 18.66 -22.33
CA ASP A 192 -8.29 19.03 -23.42
C ASP A 192 -9.31 17.91 -23.65
N ARG A 194 -11.57 17.68 -26.26
CA ARG A 194 -11.63 17.26 -27.65
C ARG A 194 -10.45 16.38 -28.05
N GLY A 195 -10.77 15.27 -28.72
CA GLY A 195 -9.73 14.35 -29.16
C GLY A 195 -9.19 13.45 -28.06
N GLN A 196 -8.16 12.68 -28.40
CA GLN A 196 -7.52 11.77 -27.46
C GLN A 196 -6.02 11.98 -27.46
N LYS A 197 -5.31 11.18 -26.67
CA LYS A 197 -3.86 11.27 -26.56
C LYS A 197 -3.43 12.68 -26.17
N THR A 198 -4.39 13.46 -25.68
CA THR A 198 -4.16 14.83 -25.26
C THR A 198 -4.85 15.02 -23.90
N GLY A 199 -4.96 13.92 -23.16
CA GLY A 199 -5.62 13.97 -21.86
C GLY A 199 -4.69 13.91 -20.66
N PHE A 200 -5.23 13.44 -19.55
CA PHE A 200 -4.51 13.33 -18.30
C PHE A 200 -5.37 12.45 -17.39
N PHE A 201 -4.81 11.34 -16.91
CA PHE A 201 -5.57 10.44 -16.03
C PHE A 201 -5.40 10.80 -14.57
N LEU A 202 -6.51 10.89 -13.85
CA LEU A 202 -6.45 11.27 -12.44
C LEU A 202 -6.15 10.13 -11.47
N ASP A 203 -6.29 8.88 -11.91
CA ASP A 203 -6.04 7.77 -10.99
C ASP A 203 -4.61 7.67 -10.45
N GLN A 204 -3.66 8.17 -11.21
CA GLN A 204 -2.24 8.12 -10.82
C GLN A 204 -1.77 9.33 -10.00
N ARG A 205 -2.69 10.21 -9.61
CA ARG A 205 -2.34 11.41 -8.84
C ARG A 205 -1.39 11.21 -7.67
N GLU A 206 -1.77 10.33 -6.74
CA GLU A 206 -0.96 10.08 -5.56
C GLU A 206 0.39 9.46 -5.86
N ASN A 207 0.44 8.62 -6.89
CA ASN A 207 1.68 7.98 -7.24
C ASN A 207 2.64 8.93 -7.93
N ARG A 208 2.11 9.84 -8.73
CA ARG A 208 2.95 10.82 -9.42
C ARG A 208 3.55 11.75 -8.37
N LEU A 209 2.73 12.15 -7.40
CA LEU A 209 3.20 13.03 -6.33
C LEU A 209 4.22 12.31 -5.45
N ALA A 210 4.03 11.00 -5.25
CA ALA A 210 4.93 10.22 -4.42
C ALA A 210 6.33 10.09 -5.02
N LEU A 211 6.42 10.20 -6.34
CA LEU A 211 7.70 10.07 -7.03
C LEU A 211 8.69 11.19 -6.69
N GLU A 212 8.18 12.39 -6.49
CA GLU A 212 9.03 13.55 -6.23
C GLU A 212 10.07 13.40 -5.13
N LYS A 213 9.71 12.81 -3.99
CA LYS A 213 10.65 12.65 -2.88
C LYS A 213 11.86 11.78 -3.22
N TRP A 214 11.70 10.93 -4.24
CA TRP A 214 12.78 10.02 -4.63
C TRP A 214 13.76 10.62 -5.63
N VAL A 215 13.36 11.70 -6.29
CA VAL A 215 14.22 12.35 -7.26
C VAL A 215 15.30 13.15 -6.55
N GLN A 216 16.53 12.98 -7.00
CA GLN A 216 17.68 13.67 -6.42
C GLN A 216 18.37 14.52 -7.47
N PRO A 217 19.03 15.59 -7.05
CA PRO A 217 19.72 16.45 -8.02
C PRO A 217 20.74 15.61 -8.79
N GLY A 218 20.85 15.85 -10.10
CA GLY A 218 21.78 15.12 -10.93
C GLY A 218 21.17 13.85 -11.50
N ASP A 219 19.97 13.52 -11.05
CA ASP A 219 19.26 12.32 -11.50
C ASP A 219 18.92 12.24 -12.97
N ARG A 220 19.05 11.02 -13.50
CA ARG A 220 18.75 10.70 -14.88
C ARG A 220 17.52 9.80 -14.78
N VAL A 221 16.42 10.21 -15.40
CA VAL A 221 15.17 9.46 -15.31
C VAL A 221 14.57 9.03 -16.66
N LEU A 222 14.02 7.82 -16.69
CA LEU A 222 13.39 7.28 -17.89
C LEU A 222 11.92 6.91 -17.63
N ASP A 223 11.03 7.42 -18.47
CA ASP A 223 9.60 7.14 -18.37
C ASP A 223 9.29 6.41 -19.68
N VAL A 224 9.10 5.09 -19.59
CA VAL A 224 8.87 4.26 -20.77
C VAL A 224 7.55 4.41 -21.52
N PHE A 225 6.47 4.68 -20.80
CA PHE A 225 5.16 4.89 -21.42
C PHE A 225 4.67 6.20 -20.82
N THR A 226 5.30 7.29 -21.26
CA THR A 226 5.04 8.62 -20.75
C THR A 226 3.68 9.24 -21.04
N TYR A 227 3.06 8.86 -22.15
CA TYR A 227 1.78 9.44 -22.53
C TYR A 227 1.98 10.95 -22.64
N THR A 228 1.18 11.75 -21.92
CA THR A 228 1.31 13.20 -21.97
C THR A 228 2.36 13.77 -21.02
N GLY A 229 3.14 12.89 -20.38
CA GLY A 229 4.19 13.34 -19.49
C GLY A 229 3.99 13.37 -17.99
N GLY A 230 2.91 12.75 -17.50
CA GLY A 230 2.63 12.75 -16.07
C GLY A 230 3.81 12.56 -15.12
N PHE A 231 4.37 11.36 -15.09
CA PHE A 231 5.50 11.08 -14.20
C PHE A 231 6.77 11.84 -14.60
N ALA A 232 6.98 11.99 -15.90
CA ALA A 232 8.16 12.69 -16.42
C ALA A 232 8.23 14.14 -15.93
N ILE A 233 7.12 14.85 -16.06
CA ILE A 233 7.04 16.25 -15.64
C ILE A 233 7.32 16.36 -14.13
N HIS A 234 6.68 15.52 -13.34
CA HIS A 234 6.89 15.56 -11.89
C HIS A 234 8.37 15.31 -11.54
N ALA A 235 9.04 14.43 -12.29
CA ALA A 235 10.44 14.15 -12.04
C ALA A 235 11.31 15.37 -12.36
N ALA A 236 10.98 16.05 -13.45
CA ALA A 236 11.73 17.23 -13.89
C ALA A 236 11.56 18.41 -12.93
N ILE A 237 10.34 18.67 -12.49
CA ILE A 237 10.14 19.79 -11.56
C ILE A 237 10.72 19.46 -10.19
N ALA A 238 10.94 18.16 -9.93
CA ALA A 238 11.50 17.73 -8.66
C ALA A 238 13.01 17.94 -8.66
N GLY A 239 13.56 18.32 -9.81
CA GLY A 239 14.99 18.56 -9.88
C GLY A 239 15.84 17.59 -10.68
N ALA A 240 15.21 16.66 -11.39
CA ALA A 240 15.97 15.71 -12.19
C ALA A 240 16.81 16.48 -13.21
N ASP A 241 18.03 16.02 -13.43
CA ASP A 241 18.92 16.68 -14.38
C ASP A 241 18.56 16.36 -15.82
N GLU A 242 18.11 15.13 -16.06
CA GLU A 242 17.74 14.68 -17.39
C GLU A 242 16.59 13.69 -17.30
N VAL A 243 15.56 13.88 -18.13
CA VAL A 243 14.41 12.99 -18.15
C VAL A 243 14.08 12.63 -19.59
N ILE A 244 13.97 11.33 -19.86
CA ILE A 244 13.65 10.85 -21.19
C ILE A 244 12.27 10.20 -21.16
N GLY A 245 11.37 10.67 -22.01
CA GLY A 245 10.03 10.12 -22.06
C GLY A 245 9.73 9.46 -23.39
N ILE A 246 9.19 8.25 -23.34
CA ILE A 246 8.85 7.50 -24.56
C ILE A 246 7.37 7.16 -24.62
N ASP A 247 6.76 7.33 -25.80
CA ASP A 247 5.36 7.00 -26.01
C ASP A 247 5.10 6.72 -27.49
N LYS A 248 4.23 5.76 -27.76
CA LYS A 248 3.91 5.38 -29.14
C LYS A 248 3.11 6.43 -29.91
N SER A 249 2.32 7.23 -29.19
CA SER A 249 1.48 8.25 -29.82
C SER A 249 2.15 9.59 -30.09
N PRO A 250 2.12 10.02 -31.36
CA PRO A 250 2.72 11.31 -31.73
C PRO A 250 1.98 12.46 -31.06
N ARG A 251 0.66 12.32 -30.95
CA ARG A 251 -0.20 13.34 -30.34
C ARG A 251 0.09 13.51 -28.85
N ALA A 252 0.36 12.40 -28.17
CA ALA A 252 0.65 12.44 -26.74
C ALA A 252 1.98 13.15 -26.50
N ILE A 253 2.95 12.92 -27.36
CA ILE A 253 4.26 13.55 -27.23
C ILE A 253 4.18 15.05 -27.51
N GLU A 254 3.31 15.45 -28.43
CA GLU A 254 3.16 16.86 -28.76
C GLU A 254 2.63 17.60 -27.54
N THR A 255 1.73 16.96 -26.80
CA THR A 255 1.16 17.56 -25.60
C THR A 255 2.20 17.56 -24.49
N ALA A 256 2.96 16.48 -24.39
CA ALA A 256 4.00 16.37 -23.38
C ALA A 256 4.98 17.53 -23.52
N LYS A 257 5.36 17.85 -24.76
CA LYS A 257 6.27 18.96 -25.00
C LYS A 257 5.64 20.27 -24.55
N GLU A 258 4.35 20.41 -24.78
CA GLU A 258 3.64 21.62 -24.38
C GLU A 258 3.61 21.73 -22.85
N ASN A 259 3.44 20.60 -22.17
CA ASN A 259 3.43 20.60 -20.70
C ASN A 259 4.80 20.98 -20.17
N ALA A 260 5.85 20.48 -20.82
CA ALA A 260 7.22 20.77 -20.41
C ALA A 260 7.44 22.28 -20.48
N LYS A 261 6.95 22.90 -21.55
CA LYS A 261 7.10 24.35 -21.73
C LYS A 261 6.33 25.10 -20.66
N LEU A 262 5.11 24.65 -20.37
CA LEU A 262 4.27 25.28 -19.36
C LEU A 262 4.94 25.26 -17.98
N ASN A 263 5.70 24.20 -17.72
CA ASN A 263 6.37 24.05 -16.43
C ASN A 263 7.81 24.55 -16.41
N GLY A 264 8.24 25.12 -17.53
CA GLY A 264 9.58 25.66 -17.63
C GLY A 264 10.68 24.64 -17.42
N VAL A 265 10.50 23.45 -17.98
CA VAL A 265 11.50 22.39 -17.82
C VAL A 265 11.86 21.72 -19.14
N GLU A 266 11.59 22.40 -20.26
CA GLU A 266 11.87 21.85 -21.57
C GLU A 266 13.35 21.49 -21.80
N ASP A 267 14.23 22.28 -21.21
CA ASP A 267 15.67 22.08 -21.36
C ASP A 267 16.17 20.73 -20.84
N ARG A 268 15.56 20.25 -19.76
CA ARG A 268 15.97 18.99 -19.17
C ARG A 268 15.17 17.77 -19.60
N LYS A 270 13.60 15.17 -22.82
CA LYS A 270 13.72 14.66 -24.18
C LYS A 270 12.62 13.63 -24.41
N PHE A 271 11.71 13.95 -25.31
CA PHE A 271 10.61 13.04 -25.62
C PHE A 271 10.80 12.32 -26.95
N ILE A 272 10.70 11.00 -26.90
CA ILE A 272 10.87 10.17 -28.09
C ILE A 272 9.57 9.47 -28.46
N VAL A 273 9.22 9.53 -29.75
CA VAL A 273 8.02 8.86 -30.24
C VAL A 273 8.48 7.51 -30.77
N GLY A 274 7.96 6.43 -30.20
CA GLY A 274 8.36 5.11 -30.66
C GLY A 274 7.87 4.00 -29.75
N SER A 275 8.28 2.77 -30.07
CA SER A 275 7.88 1.60 -29.28
C SER A 275 8.78 1.41 -28.07
N ALA A 276 8.18 1.05 -26.94
CA ALA A 276 8.91 0.83 -25.70
C ALA A 276 10.09 -0.13 -25.84
N PHE A 277 9.82 -1.35 -26.29
CA PHE A 277 10.86 -2.36 -26.45
C PHE A 277 12.02 -1.94 -27.35
N GLU A 278 11.71 -1.38 -28.51
CA GLU A 278 12.77 -0.95 -29.43
C GLU A 278 13.60 0.16 -28.81
N GLU A 279 12.92 1.14 -28.20
CA GLU A 279 13.63 2.25 -27.58
C GLU A 279 14.47 1.82 -26.40
N GLU A 281 15.84 -1.13 -25.91
CA GLU A 281 17.00 -1.88 -26.42
C GLU A 281 18.08 -0.95 -26.91
N LYS A 282 17.69 0.12 -27.59
CA LYS A 282 18.66 1.10 -28.09
C LYS A 282 19.44 1.65 -26.90
N LEU A 283 18.71 2.00 -25.84
CA LEU A 283 19.33 2.54 -24.63
C LEU A 283 20.20 1.49 -23.97
N GLN A 284 19.73 0.24 -23.97
CA GLN A 284 20.47 -0.85 -23.36
C GLN A 284 21.83 -1.04 -24.04
N LYS A 285 21.81 -1.18 -25.36
CA LYS A 285 23.03 -1.38 -26.13
C LYS A 285 24.03 -0.26 -25.87
N LYS A 286 23.52 0.94 -25.66
CA LYS A 286 24.37 2.11 -25.41
C LYS A 286 24.94 2.04 -24.00
N GLY A 287 24.61 0.98 -23.26
CA GLY A 287 25.11 0.84 -21.91
C GLY A 287 24.56 1.93 -21.01
N GLU A 288 23.37 2.41 -21.35
CA GLU A 288 22.72 3.47 -20.59
C GLU A 288 22.07 2.96 -19.31
N LYS A 289 22.25 3.70 -18.23
CA LYS A 289 21.68 3.34 -16.94
C LYS A 289 21.02 4.58 -16.34
N PHE A 290 19.85 4.39 -15.74
CA PHE A 290 19.10 5.48 -15.15
C PHE A 290 18.94 5.36 -13.64
N ASP A 291 18.84 6.50 -12.97
CA ASP A 291 18.68 6.53 -11.52
C ASP A 291 17.27 6.07 -11.16
N ILE A 292 16.32 6.38 -12.04
CA ILE A 292 14.93 5.99 -11.85
C ILE A 292 14.34 5.61 -13.20
N VAL A 293 13.63 4.49 -13.23
CA VAL A 293 12.96 4.03 -14.43
C VAL A 293 11.51 3.85 -14.04
N VAL A 294 10.60 4.45 -14.82
CA VAL A 294 9.16 4.36 -14.54
C VAL A 294 8.47 3.55 -15.64
N LEU A 295 7.77 2.50 -15.23
CA LEU A 295 7.05 1.64 -16.18
C LEU A 295 5.55 1.72 -15.90
N ASP A 296 4.80 2.31 -16.81
CA ASP A 296 3.35 2.46 -16.66
C ASP A 296 2.68 2.04 -17.97
N PRO A 297 2.83 0.77 -18.36
CA PRO A 297 2.25 0.24 -19.59
C PRO A 297 0.74 0.14 -19.62
N PRO A 298 0.15 -0.08 -20.81
CA PRO A 298 -1.29 -0.19 -20.95
C PRO A 298 -1.72 -1.52 -20.34
N ALA A 299 -3.00 -1.63 -19.97
CA ALA A 299 -3.47 -2.88 -19.40
C ALA A 299 -3.26 -4.00 -20.41
N PHE A 300 -2.40 -4.95 -20.07
CA PHE A 300 -2.11 -6.09 -20.94
C PHE A 300 -3.17 -7.17 -20.82
N VAL A 301 -3.95 -7.11 -19.75
CA VAL A 301 -5.00 -8.09 -19.53
C VAL A 301 -6.39 -7.45 -19.51
N GLN A 302 -7.19 -7.77 -20.53
CA GLN A 302 -8.54 -7.24 -20.63
C GLN A 302 -9.56 -8.28 -20.19
N HIS A 303 -9.19 -9.55 -20.31
CA HIS A 303 -10.07 -10.65 -19.94
C HIS A 303 -9.27 -11.65 -19.09
N GLU A 304 -9.95 -12.27 -18.13
CA GLU A 304 -9.32 -13.26 -17.26
C GLU A 304 -8.67 -14.37 -18.08
N LYS A 305 -9.22 -14.61 -19.26
CA LYS A 305 -8.72 -15.65 -20.17
C LYS A 305 -7.36 -15.30 -20.76
N ASP A 306 -7.01 -14.02 -20.74
CA ASP A 306 -5.75 -13.56 -21.31
C ASP A 306 -4.64 -13.35 -20.28
N LEU A 307 -4.82 -13.89 -19.08
CA LEU A 307 -3.84 -13.75 -18.02
C LEU A 307 -2.43 -14.24 -18.35
N LYS A 308 -2.31 -15.50 -18.76
CA LYS A 308 -1.01 -16.07 -19.08
C LYS A 308 -0.19 -15.23 -20.05
N ALA A 309 -0.78 -14.88 -21.19
CA ALA A 309 -0.09 -14.08 -22.19
C ALA A 309 0.16 -12.66 -21.66
N GLY A 310 -0.80 -12.13 -20.93
CA GLY A 310 -0.66 -10.79 -20.37
C GLY A 310 0.48 -10.70 -19.38
N LEU A 311 0.54 -11.64 -18.46
CA LEU A 311 1.60 -11.65 -17.45
C LEU A 311 2.98 -11.80 -18.09
N ARG A 312 3.03 -12.51 -19.21
CA ARG A 312 4.30 -12.69 -19.91
C ARG A 312 4.72 -11.33 -20.47
N ALA A 313 3.74 -10.57 -20.94
CA ALA A 313 4.00 -9.25 -21.49
C ALA A 313 4.58 -8.35 -20.39
N TYR A 314 3.97 -8.38 -19.20
CA TYR A 314 4.47 -7.57 -18.09
C TYR A 314 5.89 -8.02 -17.71
N PHE A 315 6.11 -9.32 -17.67
CA PHE A 315 7.42 -9.86 -17.32
C PHE A 315 8.50 -9.28 -18.24
N ASN A 316 8.25 -9.33 -19.54
CA ASN A 316 9.19 -8.82 -20.54
C ASN A 316 9.44 -7.32 -20.41
N VAL A 317 8.40 -6.55 -20.10
CA VAL A 317 8.55 -5.11 -19.94
C VAL A 317 9.39 -4.79 -18.71
N ASN A 318 9.08 -5.47 -17.61
CA ASN A 318 9.79 -5.24 -16.35
C ASN A 318 11.23 -5.71 -16.38
N PHE A 319 11.48 -6.84 -17.06
CA PHE A 319 12.84 -7.36 -17.19
C PHE A 319 13.69 -6.32 -17.91
N ALA A 320 13.16 -5.81 -19.02
CA ALA A 320 13.87 -4.81 -19.81
C ALA A 320 14.08 -3.53 -18.98
N GLY A 321 13.05 -3.14 -18.24
CA GLY A 321 13.16 -1.94 -17.43
C GLY A 321 14.21 -2.09 -16.34
N LEU A 322 14.21 -3.24 -15.67
CA LEU A 322 15.16 -3.52 -14.61
C LEU A 322 16.60 -3.42 -15.09
N ASN A 323 16.86 -3.85 -16.32
CA ASN A 323 18.21 -3.80 -16.85
C ASN A 323 18.70 -2.41 -17.21
N LEU A 324 17.82 -1.43 -17.10
CA LEU A 324 18.19 -0.04 -17.40
C LEU A 324 18.34 0.77 -16.11
N VAL A 325 18.07 0.13 -14.98
CA VAL A 325 18.19 0.78 -13.68
C VAL A 325 19.60 0.62 -13.14
N LYS A 326 20.21 1.72 -12.71
CA LYS A 326 21.57 1.63 -12.19
C LYS A 326 21.54 0.90 -10.84
N ASP A 327 22.68 0.35 -10.45
CA ASP A 327 22.78 -0.35 -9.17
C ASP A 327 22.52 0.70 -8.09
N GLY A 328 21.55 0.42 -7.22
CA GLY A 328 21.20 1.37 -6.18
C GLY A 328 20.16 2.36 -6.68
N GLY A 329 19.58 2.07 -7.84
CA GLY A 329 18.56 2.93 -8.43
C GLY A 329 17.16 2.54 -8.03
N ILE A 330 16.17 3.14 -8.69
CA ILE A 330 14.77 2.90 -8.39
C ILE A 330 13.92 2.51 -9.59
N LEU A 331 13.09 1.49 -9.41
CA LEU A 331 12.17 1.06 -10.46
C LEU A 331 10.75 1.31 -9.97
N VAL A 332 9.98 2.08 -10.73
CA VAL A 332 8.59 2.35 -10.39
C VAL A 332 7.82 1.58 -11.45
N THR A 333 7.01 0.61 -11.02
CA THR A 333 6.28 -0.22 -11.98
C THR A 333 4.82 -0.36 -11.60
N CYS A 334 3.94 -0.20 -12.59
CA CYS A 334 2.51 -0.28 -12.36
C CYS A 334 1.79 -1.17 -13.35
N SER A 335 0.57 -1.54 -12.99
CA SER A 335 -0.31 -2.36 -13.81
C SER A 335 -1.73 -1.86 -13.59
N CYS A 336 -2.46 -1.64 -14.68
CA CYS A 336 -3.84 -1.18 -14.60
C CYS A 336 -4.83 -2.26 -15.00
N SER A 337 -4.33 -3.49 -15.16
CA SER A 337 -5.18 -4.62 -15.56
C SER A 337 -5.98 -5.10 -14.34
N GLN A 338 -7.28 -4.92 -14.38
CA GLN A 338 -8.15 -5.33 -13.27
C GLN A 338 -7.98 -6.81 -12.90
N HIS A 339 -7.88 -7.66 -13.91
CA HIS A 339 -7.75 -9.10 -13.69
C HIS A 339 -6.42 -9.57 -13.08
N VAL A 340 -5.43 -8.69 -13.05
CA VAL A 340 -4.14 -9.03 -12.46
C VAL A 340 -4.18 -8.54 -11.02
N ASP A 341 -4.23 -9.47 -10.06
CA ASP A 341 -4.26 -9.03 -8.67
C ASP A 341 -2.86 -8.73 -8.16
N LEU A 342 -2.80 -8.06 -7.00
CA LEU A 342 -1.52 -7.69 -6.41
C LEU A 342 -0.54 -8.85 -6.30
N GLN A 343 -0.97 -9.97 -5.72
CA GLN A 343 -0.08 -11.11 -5.57
C GLN A 343 0.52 -11.57 -6.89
N PHE A 345 0.92 -9.72 -9.59
CA PHE A 345 1.82 -8.66 -10.03
C PHE A 345 3.14 -8.82 -9.29
N LYS A 346 3.05 -9.03 -7.99
CA LYS A 346 4.23 -9.21 -7.15
C LYS A 346 5.06 -10.41 -7.57
N ASP A 347 4.41 -11.54 -7.81
CA ASP A 347 5.13 -12.74 -8.20
C ASP A 347 5.86 -12.52 -9.52
N ILE A 349 7.03 -9.60 -10.64
CA ILE A 349 8.18 -8.72 -10.40
C ILE A 349 9.32 -9.53 -9.78
N ILE A 350 8.98 -10.45 -8.88
CA ILE A 350 9.98 -11.28 -8.23
C ILE A 350 10.69 -12.13 -9.28
N ALA A 351 9.92 -12.62 -10.25
CA ALA A 351 10.46 -13.44 -11.32
C ALA A 351 11.40 -12.63 -12.20
N ALA A 352 11.00 -11.40 -12.51
CA ALA A 352 11.82 -10.53 -13.34
C ALA A 352 13.11 -10.19 -12.59
N GLY A 353 12.98 -9.88 -11.31
CA GLY A 353 14.15 -9.57 -10.52
C GLY A 353 15.11 -10.73 -10.45
N ALA A 354 14.58 -11.93 -10.29
CA ALA A 354 15.41 -13.13 -10.21
C ALA A 354 16.19 -13.32 -11.51
N LYS A 355 15.48 -13.24 -12.64
CA LYS A 355 16.12 -13.42 -13.94
C LYS A 355 17.19 -12.37 -14.19
N ALA A 356 16.91 -11.12 -13.83
CA ALA A 356 17.86 -10.04 -14.04
C ALA A 356 18.95 -10.06 -12.96
N GLY A 357 18.82 -10.97 -12.01
CA GLY A 357 19.79 -11.08 -10.93
C GLY A 357 19.87 -9.86 -10.05
N LYS A 358 18.71 -9.37 -9.61
CA LYS A 358 18.70 -8.18 -8.77
C LYS A 358 17.81 -8.31 -7.55
N PHE A 359 18.28 -7.79 -6.42
CA PHE A 359 17.52 -7.78 -5.18
C PHE A 359 16.62 -6.56 -5.27
N LEU A 360 15.37 -6.71 -4.84
CA LEU A 360 14.42 -5.62 -4.90
C LEU A 360 13.82 -5.37 -3.52
N LYS A 361 13.87 -4.12 -3.08
CA LYS A 361 13.33 -3.74 -1.78
C LYS A 361 12.25 -2.69 -1.95
N LEU A 363 10.16 0.58 -1.28
CA LEU A 363 10.45 1.92 -0.78
C LEU A 363 9.18 2.62 -0.32
N GLU A 364 8.06 2.20 -0.90
CA GLU A 364 6.74 2.77 -0.59
C GLU A 364 5.81 1.61 -0.23
N PRO A 365 4.61 1.92 0.29
CA PRO A 365 3.72 0.79 0.60
C PRO A 365 3.20 0.29 -0.75
N TYR A 366 2.28 -0.67 -0.75
CA TYR A 366 1.74 -1.17 -2.02
C TYR A 366 0.77 -0.09 -2.49
N ARG A 367 1.19 0.71 -3.48
CA ARG A 367 0.37 1.80 -3.95
C ARG A 367 -0.73 1.44 -4.92
N THR A 368 -1.76 2.28 -4.91
CA THR A 368 -2.97 2.05 -5.70
C THR A 368 -3.46 3.30 -6.41
N GLN A 369 -4.68 3.19 -6.93
CA GLN A 369 -5.33 4.30 -7.60
C GLN A 369 -5.61 5.34 -6.51
N ALA A 370 -5.71 6.61 -6.90
CA ALA A 370 -5.99 7.68 -5.94
C ALA A 370 -7.33 7.39 -5.26
N PRO A 371 -7.48 7.83 -4.00
CA PRO A 371 -8.72 7.61 -3.24
C PRO A 371 -10.01 8.24 -3.77
N ASP A 372 -9.90 9.05 -4.83
CA ASP A 372 -11.09 9.62 -5.43
C ASP A 372 -11.66 8.61 -6.43
N HIS A 373 -10.98 7.47 -6.52
CA HIS A 373 -11.39 6.31 -7.32
C HIS A 373 -11.46 5.28 -6.20
N PRO A 374 -12.37 5.48 -5.24
CA PRO A 374 -12.51 4.58 -4.08
C PRO A 374 -12.57 3.08 -4.29
N ILE A 375 -11.73 2.38 -3.53
CA ILE A 375 -11.69 0.93 -3.55
C ILE A 375 -12.67 0.48 -2.47
N LEU A 376 -13.75 -0.18 -2.89
CA LEU A 376 -14.76 -0.69 -1.98
C LEU A 376 -14.39 -2.11 -1.61
N ALA A 378 -16.12 -4.37 -0.37
CA ALA A 378 -17.17 -5.30 -0.77
C ALA A 378 -17.32 -5.51 -2.28
N SER A 379 -16.56 -4.76 -3.07
CA SER A 379 -16.66 -4.89 -4.53
C SER A 379 -15.29 -4.88 -5.20
N LYS A 380 -14.70 -6.07 -5.33
CA LYS A 380 -13.38 -6.23 -5.93
C LYS A 380 -13.17 -5.50 -7.26
N ASP A 381 -14.23 -5.38 -8.05
CA ASP A 381 -14.13 -4.71 -9.35
C ASP A 381 -13.75 -3.24 -9.30
N THR A 382 -13.87 -2.60 -8.16
CA THR A 382 -13.53 -1.18 -8.06
C THR A 382 -12.01 -0.98 -8.07
N GLU A 383 -11.27 -2.01 -7.69
CA GLU A 383 -9.81 -1.94 -7.64
C GLU A 383 -9.15 -2.47 -8.91
N TYR A 384 -8.25 -1.71 -9.51
CA TYR A 384 -7.57 -2.16 -10.73
C TYR A 384 -6.11 -1.75 -10.88
N LEU A 385 -5.68 -0.73 -10.15
CA LEU A 385 -4.30 -0.25 -10.28
C LEU A 385 -3.35 -0.70 -9.15
N LYS A 386 -2.18 -1.18 -9.55
CA LYS A 386 -1.16 -1.60 -8.59
C LYS A 386 0.11 -0.83 -8.95
N CYS A 387 0.80 -0.30 -7.94
CA CYS A 387 2.02 0.46 -8.18
C CYS A 387 3.07 0.12 -7.13
N LEU A 388 4.27 -0.19 -7.57
CA LEU A 388 5.37 -0.52 -6.66
C LEU A 388 6.58 0.37 -6.90
N PHE A 389 7.19 0.84 -5.83
CA PHE A 389 8.41 1.66 -5.91
C PHE A 389 9.48 0.74 -5.33
N LEU A 390 10.45 0.35 -6.14
CA LEU A 390 11.47 -0.59 -5.70
C LEU A 390 12.91 -0.13 -5.81
N TYR A 391 13.69 -0.42 -4.77
CA TYR A 391 15.10 -0.10 -4.73
C TYR A 391 15.77 -1.29 -5.41
N VAL A 392 16.59 -1.02 -6.42
CA VAL A 392 17.24 -2.07 -7.19
C VAL A 392 18.72 -2.23 -6.88
N GLU A 393 19.12 -3.46 -6.58
CA GLU A 393 20.50 -3.77 -6.24
C GLU A 393 20.94 -5.09 -6.87
N ASP A 394 22.08 -5.07 -7.55
CA ASP A 394 22.62 -6.26 -8.19
C ASP A 394 22.96 -7.32 -7.14
N ARG A 396 25.02 -9.33 -7.37
CA ARG A 396 26.47 -9.52 -7.48
C ARG A 396 26.79 -10.93 -7.94
N ALA B 2 32.40 -27.65 8.71
CA ALA B 2 31.34 -28.60 8.40
C ALA B 2 30.63 -28.19 7.11
N ARG B 3 30.03 -29.17 6.44
CA ARG B 3 29.34 -28.91 5.19
C ARG B 3 27.90 -29.42 5.17
N VAL B 4 27.02 -28.61 4.59
CA VAL B 4 25.61 -28.97 4.46
C VAL B 4 25.31 -29.14 2.99
N VAL B 5 24.93 -30.36 2.60
CA VAL B 5 24.61 -30.66 1.20
C VAL B 5 23.11 -30.52 0.99
N VAL B 6 22.73 -29.76 -0.03
CA VAL B 6 21.32 -29.53 -0.31
C VAL B 6 20.82 -30.16 -1.62
N ASP B 7 19.51 -30.25 -1.76
CA ASP B 7 18.92 -30.85 -2.96
C ASP B 7 18.79 -29.84 -4.09
N ALA B 8 18.33 -30.30 -5.25
CA ALA B 8 18.17 -29.45 -6.43
C ALA B 8 17.22 -28.27 -6.20
N GLN B 9 16.16 -28.50 -5.43
CA GLN B 9 15.19 -27.46 -5.14
C GLN B 9 15.82 -26.35 -4.29
N ALA B 10 16.46 -26.74 -3.19
CA ALA B 10 17.09 -25.77 -2.30
C ALA B 10 18.16 -24.95 -3.03
N ALA B 11 18.97 -25.63 -3.84
CA ALA B 11 20.02 -24.94 -4.58
C ALA B 11 19.41 -23.99 -5.60
N ARG B 12 18.32 -24.42 -6.22
CA ARG B 12 17.64 -23.59 -7.21
C ARG B 12 17.16 -22.29 -6.57
N ALA B 13 16.61 -22.40 -5.37
CA ALA B 13 16.11 -21.24 -4.65
C ALA B 13 17.25 -20.25 -4.40
N ILE B 14 18.35 -20.77 -3.86
CA ILE B 14 19.51 -19.93 -3.56
C ILE B 14 20.00 -19.21 -4.81
N GLY B 15 19.89 -19.88 -5.96
CA GLY B 15 20.31 -19.27 -7.19
C GLY B 15 19.40 -18.12 -7.59
N LYS B 16 18.17 -18.15 -7.08
CA LYS B 16 17.20 -17.10 -7.39
C LYS B 16 17.26 -15.95 -6.40
N GLY B 17 18.06 -16.09 -5.36
CA GLY B 17 18.18 -15.02 -4.38
C GLY B 17 17.89 -15.40 -2.94
N ALA B 18 17.52 -16.65 -2.70
CA ALA B 18 17.24 -17.11 -1.35
C ALA B 18 18.52 -17.08 -0.54
N ILE B 20 18.61 -18.65 2.66
CA ILE B 20 18.41 -19.60 3.73
C ILE B 20 18.36 -21.02 3.18
N VAL B 21 18.52 -21.98 4.08
CA VAL B 21 18.46 -23.40 3.74
C VAL B 21 17.55 -24.03 4.78
N PHE B 22 16.42 -24.57 4.34
CA PHE B 22 15.49 -25.21 5.26
C PHE B 22 16.03 -26.60 5.61
N LYS B 23 15.92 -26.98 6.88
CA LYS B 23 16.42 -28.29 7.31
C LYS B 23 15.87 -29.39 6.42
N LYS B 24 14.67 -29.17 5.90
CA LYS B 24 14.00 -30.13 5.03
C LYS B 24 14.70 -30.26 3.68
N GLY B 25 15.50 -29.26 3.32
CA GLY B 25 16.19 -29.29 2.04
C GLY B 25 17.61 -29.84 2.12
N VAL B 26 18.01 -30.28 3.31
CA VAL B 26 19.34 -30.82 3.54
C VAL B 26 19.36 -32.32 3.25
N VAL B 27 20.16 -32.72 2.27
CA VAL B 27 20.25 -34.13 1.92
C VAL B 27 21.17 -34.85 2.90
N ARG B 28 22.13 -34.11 3.46
CA ARG B 28 23.06 -34.66 4.43
C ARG B 28 24.02 -33.62 5.00
N VAL B 29 24.58 -33.93 6.16
CA VAL B 29 25.52 -33.05 6.83
C VAL B 29 26.85 -33.78 7.05
N GLU B 30 27.93 -33.13 6.65
CA GLU B 30 29.27 -33.68 6.79
C GLU B 30 30.05 -32.92 7.86
N GLY B 31 30.29 -33.56 8.99
CA GLY B 31 31.01 -32.94 10.08
C GLY B 31 30.06 -32.53 11.20
N ASP B 32 30.57 -32.47 12.42
CA ASP B 32 29.76 -32.09 13.56
C ASP B 32 29.39 -30.61 13.53
N ILE B 33 28.13 -30.32 13.82
CA ILE B 33 27.63 -28.95 13.82
C ILE B 33 27.03 -28.60 15.17
N LYS B 34 27.40 -27.43 15.66
CA LYS B 34 26.93 -26.89 16.94
C LYS B 34 26.18 -25.59 16.60
N PRO B 35 25.18 -25.21 17.41
CA PRO B 35 24.45 -23.98 17.12
C PRO B 35 25.37 -22.77 17.00
N GLY B 36 25.24 -22.02 15.92
CA GLY B 36 26.08 -20.84 15.73
C GLY B 36 27.34 -21.06 14.93
N ASP B 37 27.67 -22.32 14.66
CA ASP B 37 28.86 -22.62 13.88
C ASP B 37 28.71 -22.10 12.47
N ILE B 38 29.83 -21.71 11.86
CA ILE B 38 29.82 -21.26 10.49
C ILE B 38 30.06 -22.51 9.64
N VAL B 39 29.17 -22.78 8.69
CA VAL B 39 29.30 -23.95 7.83
C VAL B 39 29.19 -23.56 6.35
N GLU B 40 29.61 -24.47 5.48
CA GLU B 40 29.53 -24.22 4.05
C GLU B 40 28.36 -25.00 3.45
N VAL B 41 27.80 -24.49 2.36
CA VAL B 41 26.67 -25.13 1.70
C VAL B 41 27.07 -25.56 0.29
N TYR B 42 26.77 -26.80 -0.04
CA TYR B 42 27.13 -27.36 -1.35
C TYR B 42 25.97 -28.11 -1.98
N THR B 43 26.02 -28.25 -3.30
CA THR B 43 25.00 -29.01 -4.02
C THR B 43 25.49 -30.45 -4.01
N ARG B 44 24.62 -31.38 -4.39
CA ARG B 44 25.00 -32.79 -4.43
C ARG B 44 26.19 -32.98 -5.37
N GLY B 45 26.25 -32.17 -6.43
CA GLY B 45 27.32 -32.27 -7.40
C GLY B 45 28.68 -31.77 -6.94
N GLY B 46 28.71 -31.07 -5.82
CA GLY B 46 29.97 -30.55 -5.31
C GLY B 46 30.24 -29.09 -5.61
N LYS B 47 29.20 -28.34 -5.97
CA LYS B 47 29.37 -26.92 -6.26
C LYS B 47 29.07 -26.10 -5.01
N PHE B 48 29.95 -25.15 -4.71
CA PHE B 48 29.80 -24.29 -3.54
C PHE B 48 28.63 -23.32 -3.75
N LEU B 49 27.77 -23.22 -2.75
CA LEU B 49 26.61 -22.32 -2.85
C LEU B 49 26.69 -21.13 -1.89
N GLY B 50 27.31 -21.35 -0.74
CA GLY B 50 27.43 -20.27 0.21
C GLY B 50 27.92 -20.73 1.56
N LYS B 51 28.02 -19.79 2.50
CA LYS B 51 28.49 -20.08 3.83
C LYS B 51 27.67 -19.24 4.82
N GLY B 52 27.37 -19.80 5.98
CA GLY B 52 26.58 -19.06 6.95
C GLY B 52 26.46 -19.71 8.32
N PHE B 53 25.54 -19.17 9.13
CA PHE B 53 25.32 -19.66 10.48
C PHE B 53 24.40 -20.88 10.48
N ALA B 54 24.81 -21.92 11.18
CA ALA B 54 24.03 -23.14 11.25
C ALA B 54 23.23 -23.26 12.54
N ASN B 55 22.08 -23.91 12.46
CA ASN B 55 21.23 -24.11 13.63
C ASN B 55 20.56 -25.48 13.46
N PRO B 56 21.16 -26.53 14.03
CA PRO B 56 20.62 -27.89 13.93
C PRO B 56 19.32 -28.10 14.72
N ASN B 57 18.78 -27.04 15.29
CA ASN B 57 17.54 -27.14 16.05
C ASN B 57 16.49 -26.17 15.53
N SER B 58 16.36 -26.10 14.22
CA SER B 58 15.40 -25.17 13.62
C SER B 58 14.97 -25.63 12.23
N ASN B 59 13.80 -25.15 11.79
CA ASN B 59 13.30 -25.51 10.47
C ASN B 59 14.22 -24.87 9.43
N ILE B 60 14.97 -23.86 9.89
CA ILE B 60 15.93 -23.17 9.04
C ILE B 60 17.31 -23.59 9.53
N VAL B 62 20.41 -23.28 7.84
CA VAL B 62 21.48 -22.31 7.59
C VAL B 62 21.00 -20.94 7.16
N ARG B 63 21.61 -19.92 7.75
CA ARG B 63 21.32 -18.53 7.40
C ARG B 63 22.58 -18.15 6.63
N ILE B 64 22.47 -18.07 5.31
CA ILE B 64 23.61 -17.74 4.46
C ILE B 64 24.10 -16.30 4.67
N VAL B 65 25.40 -16.16 4.90
CA VAL B 65 26.01 -14.86 5.13
C VAL B 65 26.72 -14.38 3.87
N THR B 66 27.38 -15.29 3.17
CA THR B 66 28.09 -14.94 1.94
C THR B 66 28.03 -16.06 0.92
N LYS B 67 28.00 -15.70 -0.35
CA LYS B 67 27.96 -16.69 -1.42
C LYS B 67 29.31 -16.76 -2.14
N ASP B 68 30.30 -16.10 -1.55
CA ASP B 68 31.66 -16.08 -2.10
C ASP B 68 32.55 -16.88 -1.16
N LYS B 69 33.14 -17.95 -1.67
CA LYS B 69 33.99 -18.80 -0.85
C LYS B 69 35.23 -18.09 -0.30
N ASP B 70 35.66 -17.04 -0.98
CA ASP B 70 36.84 -16.29 -0.55
C ASP B 70 36.58 -15.28 0.57
N VAL B 71 35.32 -14.90 0.76
CA VAL B 71 34.96 -13.93 1.78
C VAL B 71 34.91 -14.52 3.18
N GLU B 72 35.72 -13.97 4.07
CA GLU B 72 35.77 -14.44 5.45
C GLU B 72 34.72 -13.71 6.29
N ILE B 73 33.99 -14.46 7.11
CA ILE B 73 32.97 -13.89 7.98
C ILE B 73 33.61 -13.41 9.28
N ASN B 74 33.78 -12.10 9.41
CA ASN B 74 34.39 -11.51 10.59
C ASN B 74 33.91 -10.06 10.76
N LYS B 75 34.47 -9.38 11.76
CA LYS B 75 34.09 -7.99 12.03
C LYS B 75 34.20 -7.09 10.80
N ASP B 76 35.26 -7.27 10.01
CA ASP B 76 35.41 -6.43 8.83
C ASP B 76 34.26 -6.58 7.85
N LEU B 77 33.80 -7.81 7.64
CA LEU B 77 32.68 -8.02 6.73
C LEU B 77 31.42 -7.35 7.28
N PHE B 78 31.17 -7.50 8.57
CA PHE B 78 30.00 -6.89 9.17
C PHE B 78 30.08 -5.37 9.22
N LYS B 79 31.27 -4.84 9.45
CA LYS B 79 31.43 -3.40 9.49
C LYS B 79 31.05 -2.85 8.12
N ARG B 80 31.48 -3.54 7.07
CA ARG B 80 31.16 -3.11 5.71
C ARG B 80 29.65 -3.10 5.48
N ARG B 81 28.97 -4.13 5.97
CA ARG B 81 27.52 -4.23 5.79
C ARG B 81 26.72 -3.29 6.69
N ILE B 82 27.23 -3.04 7.89
CA ILE B 82 26.53 -2.13 8.79
C ILE B 82 26.61 -0.72 8.21
N LYS B 83 27.75 -0.38 7.61
CA LYS B 83 27.91 0.94 7.02
C LYS B 83 26.96 1.11 5.84
N LYS B 84 26.87 0.09 5.00
CA LYS B 84 25.97 0.12 3.84
C LYS B 84 24.52 0.25 4.31
N ALA B 85 24.19 -0.48 5.37
CA ALA B 85 22.84 -0.44 5.93
C ALA B 85 22.53 0.96 6.45
N ASN B 86 23.47 1.54 7.17
CA ASN B 86 23.27 2.88 7.72
C ASN B 86 23.13 3.93 6.62
N GLU B 87 23.95 3.85 5.59
CA GLU B 87 23.88 4.80 4.49
C GLU B 87 22.55 4.66 3.75
N TYR B 88 21.98 3.45 3.74
CA TYR B 88 20.70 3.25 3.07
C TYR B 88 19.63 4.13 3.74
N ARG B 89 19.64 4.17 5.07
CA ARG B 89 18.65 4.96 5.79
C ARG B 89 18.88 6.47 5.64
N LYS B 90 20.14 6.87 5.68
CA LYS B 90 20.47 8.30 5.59
C LYS B 90 20.42 8.88 4.19
N LYS B 91 20.89 8.14 3.20
CA LYS B 91 20.93 8.64 1.84
C LYS B 91 19.72 8.29 0.96
N VAL B 92 19.18 7.09 1.10
CA VAL B 92 18.03 6.71 0.29
C VAL B 92 16.68 7.07 0.94
N LEU B 93 16.50 6.65 2.18
CA LEU B 93 15.26 6.91 2.90
C LEU B 93 15.19 8.32 3.48
N LYS B 94 16.35 8.96 3.58
CA LYS B 94 16.46 10.32 4.10
C LYS B 94 16.05 10.47 5.57
N TYR B 95 16.28 9.43 6.36
CA TYR B 95 15.99 9.49 7.78
C TYR B 95 17.23 10.14 8.40
N THR B 96 17.09 10.80 9.54
CA THR B 96 18.25 11.49 10.10
C THR B 96 18.81 11.03 11.43
N ASN B 97 17.99 11.07 12.47
CA ASN B 97 18.47 10.72 13.81
C ASN B 97 17.79 9.51 14.44
N VAL B 98 16.63 9.13 13.93
CA VAL B 98 15.90 8.01 14.49
C VAL B 98 15.44 7.07 13.39
N TYR B 99 15.90 5.83 13.45
CA TYR B 99 15.52 4.84 12.44
C TYR B 99 16.08 3.48 12.80
N ARG B 100 15.54 2.44 12.17
CA ARG B 100 16.10 1.11 12.40
C ARG B 100 17.29 1.10 11.45
N VAL B 102 19.69 -1.56 11.15
CA VAL B 102 19.86 -2.87 10.53
C VAL B 102 18.67 -3.77 10.84
N TYR B 103 18.17 -4.43 9.79
CA TYR B 103 17.02 -5.31 9.94
C TYR B 103 17.35 -6.71 9.44
N GLY B 104 18.21 -7.40 10.20
CA GLY B 104 18.60 -8.76 9.87
C GLY B 104 18.90 -9.08 8.42
N GLU B 105 18.28 -10.14 7.92
CA GLU B 105 18.48 -10.60 6.54
C GLU B 105 18.28 -9.54 5.47
N ALA B 106 17.38 -8.59 5.71
CA ALA B 106 17.14 -7.54 4.72
C ALA B 106 18.40 -6.73 4.46
N ASP B 107 19.31 -6.71 5.44
CA ASP B 107 20.56 -5.98 5.30
C ASP B 107 21.76 -6.92 5.25
N TYR B 108 21.48 -8.19 4.93
CA TYR B 108 22.54 -9.20 4.81
C TYR B 108 23.29 -9.41 6.13
N LEU B 109 22.57 -9.23 7.23
CA LEU B 109 23.12 -9.42 8.56
C LEU B 109 22.12 -10.25 9.37
N PRO B 110 21.92 -11.52 8.96
CA PRO B 110 20.98 -12.39 9.65
C PRO B 110 21.22 -12.54 11.16
N GLY B 111 20.17 -12.33 11.94
CA GLY B 111 20.27 -12.47 13.38
C GLY B 111 20.56 -11.17 14.12
N LEU B 112 20.76 -10.09 13.39
CA LEU B 112 21.05 -8.80 14.00
C LEU B 112 20.03 -7.71 13.70
N ILE B 113 19.61 -7.00 14.74
CA ILE B 113 18.68 -5.89 14.61
C ILE B 113 19.30 -4.75 15.41
N VAL B 114 19.37 -3.58 14.80
CA VAL B 114 19.93 -2.40 15.47
C VAL B 114 19.00 -1.23 15.21
N ASP B 115 18.58 -0.57 16.29
CA ASP B 115 17.72 0.60 16.19
C ASP B 115 18.51 1.81 16.69
N ARG B 116 18.43 2.92 15.97
CA ARG B 116 19.11 4.13 16.38
C ARG B 116 18.10 5.13 16.92
N PHE B 117 18.34 5.60 18.14
CA PHE B 117 17.49 6.59 18.79
C PHE B 117 18.45 7.73 19.12
N ASN B 118 18.60 8.67 18.19
CA ASN B 118 19.52 9.79 18.34
C ASN B 118 20.94 9.26 18.55
N ASP B 119 21.53 9.46 19.73
CA ASP B 119 22.89 9.00 19.96
C ASP B 119 22.99 7.63 20.65
N ILE B 120 21.86 6.94 20.76
CA ILE B 120 21.82 5.62 21.37
C ILE B 120 21.41 4.58 20.34
N ALA B 121 22.22 3.52 20.23
CA ALA B 121 21.91 2.43 19.32
C ALA B 121 21.53 1.24 20.19
N SER B 122 20.37 0.66 19.90
CA SER B 122 19.87 -0.51 20.62
C SER B 122 20.13 -1.73 19.77
N LEU B 123 20.85 -2.70 20.33
CA LEU B 123 21.22 -3.92 19.62
C LEU B 123 20.48 -5.14 20.15
N GLN B 124 20.02 -5.98 19.22
CA GLN B 124 19.30 -7.21 19.56
C GLN B 124 19.81 -8.32 18.65
N ILE B 125 20.22 -9.44 19.24
CA ILE B 125 20.72 -10.57 18.45
C ILE B 125 19.84 -11.79 18.70
N SER B 126 19.41 -12.43 17.63
CA SER B 126 18.52 -13.59 17.75
C SER B 126 19.11 -14.93 17.31
N SER B 127 20.38 -14.97 16.98
CA SER B 127 20.99 -16.24 16.58
C SER B 127 22.30 -16.44 17.31
N ALA B 128 22.63 -17.70 17.59
CA ALA B 128 23.86 -18.03 18.29
C ALA B 128 25.06 -17.65 17.43
N GLY B 129 24.90 -17.77 16.12
CA GLY B 129 25.99 -17.44 15.21
C GLY B 129 26.40 -15.99 15.30
N GLU B 131 25.64 -13.97 17.76
CA GLU B 131 26.00 -13.68 19.13
C GLU B 131 27.51 -13.76 19.34
N ARG B 132 28.19 -14.61 18.58
CA ARG B 132 29.65 -14.76 18.72
C ARG B 132 30.40 -13.50 18.29
N PHE B 133 29.72 -12.63 17.55
CA PHE B 133 30.34 -11.41 17.06
C PHE B 133 29.70 -10.17 17.69
N LYS B 134 29.03 -10.34 18.83
CA LYS B 134 28.35 -9.23 19.50
C LYS B 134 29.18 -7.98 19.78
N LEU B 135 30.35 -8.14 20.39
CA LEU B 135 31.18 -6.98 20.68
C LEU B 135 31.75 -6.39 19.38
N ASP B 136 32.12 -7.24 18.43
CA ASP B 136 32.66 -6.76 17.16
C ASP B 136 31.62 -5.89 16.46
N VAL B 137 30.35 -6.30 16.51
CA VAL B 137 29.29 -5.51 15.87
C VAL B 137 29.11 -4.19 16.59
N ALA B 138 29.15 -4.22 17.91
CA ALA B 138 29.00 -3.01 18.71
C ALA B 138 30.10 -2.00 18.35
N GLU B 139 31.33 -2.49 18.26
CA GLU B 139 32.45 -1.63 17.92
C GLU B 139 32.27 -1.08 16.50
N ALA B 140 31.85 -1.94 15.58
CA ALA B 140 31.65 -1.57 14.19
C ALA B 140 30.60 -0.45 14.05
N ILE B 141 29.52 -0.54 14.82
CA ILE B 141 28.46 0.46 14.77
C ILE B 141 29.01 1.84 15.10
N GLU B 143 32.01 2.74 15.00
CA GLU B 143 33.07 3.08 14.07
C GLU B 143 32.54 3.68 12.77
N VAL B 144 31.42 3.17 12.27
CA VAL B 144 30.88 3.70 11.02
C VAL B 144 29.88 4.82 11.22
N GLU B 145 29.35 4.97 12.43
CA GLU B 145 28.39 6.04 12.71
C GLU B 145 28.78 6.81 13.98
N PRO B 146 29.63 7.84 13.81
CA PRO B 146 30.07 8.67 14.95
C PRO B 146 28.92 9.29 15.72
N GLY B 147 27.74 9.31 15.11
CA GLY B 147 26.57 9.86 15.78
C GLY B 147 26.14 9.02 16.96
N ILE B 148 26.56 7.75 16.97
CA ILE B 148 26.21 6.84 18.06
C ILE B 148 27.28 6.92 19.14
N GLU B 149 26.88 7.25 20.35
CA GLU B 149 27.83 7.35 21.46
C GLU B 149 27.63 6.28 22.52
N THR B 150 26.56 5.50 22.36
CA THR B 150 26.22 4.43 23.28
C THR B 150 25.59 3.26 22.52
N VAL B 151 26.05 2.05 22.79
CA VAL B 151 25.45 0.88 22.17
C VAL B 151 24.84 0.10 23.33
N PHE B 152 23.52 0.04 23.36
CA PHE B 152 22.83 -0.66 24.43
C PHE B 152 22.37 -2.03 23.98
N GLU B 153 22.69 -3.05 24.78
CA GLU B 153 22.30 -4.41 24.46
C GLU B 153 20.94 -4.72 25.07
N LYS B 154 19.92 -4.88 24.22
CA LYS B 154 18.58 -5.22 24.67
C LYS B 154 18.28 -6.64 24.24
N ASN B 155 18.99 -7.59 24.84
CA ASN B 155 18.82 -8.99 24.50
C ASN B 155 17.92 -9.75 25.46
N THR B 156 16.65 -9.39 25.45
CA THR B 156 15.65 -10.03 26.29
C THR B 156 14.39 -10.23 25.45
N GLY B 157 13.44 -10.98 25.98
CA GLY B 157 12.21 -11.22 25.25
C GLY B 157 12.15 -12.57 24.55
N ARG B 158 10.98 -12.86 23.97
CA ARG B 158 10.73 -14.12 23.26
C ARG B 158 11.69 -14.30 22.08
N SER B 159 11.92 -13.23 21.33
CA SER B 159 12.80 -13.29 20.17
C SER B 159 14.18 -13.77 20.59
N ARG B 160 14.52 -13.52 21.84
CA ARG B 160 15.81 -13.91 22.40
C ARG B 160 15.74 -15.33 22.97
N ARG B 161 14.65 -15.64 23.67
CA ARG B 161 14.47 -16.96 24.26
C ARG B 161 14.13 -18.00 23.20
N ARG B 162 13.83 -17.55 21.99
CA ARG B 162 13.48 -18.46 20.91
C ARG B 162 14.59 -19.44 20.59
N GLU B 163 15.81 -18.93 20.38
CA GLU B 163 16.94 -19.79 20.07
C GLU B 163 17.73 -20.16 21.32
N GLY B 164 17.09 -20.04 22.48
CA GLY B 164 17.74 -20.39 23.74
C GLY B 164 18.97 -19.58 24.11
N LEU B 165 18.99 -18.31 23.77
CA LEU B 165 20.12 -17.45 24.10
C LEU B 165 19.88 -16.79 25.46
N PRO B 166 20.96 -16.51 26.21
CA PRO B 166 20.81 -15.88 27.52
C PRO B 166 20.28 -14.45 27.44
N GLU B 167 19.40 -14.10 28.37
CA GLU B 167 18.82 -12.76 28.41
C GLU B 167 19.78 -11.80 29.08
N ILE B 168 20.06 -10.70 28.41
CA ILE B 168 21.00 -9.69 28.89
C ILE B 168 20.54 -8.29 28.53
N GLU B 169 20.65 -7.36 29.48
CA GLU B 169 20.25 -5.97 29.26
C GLU B 169 21.28 -5.05 29.93
N ARG B 170 22.02 -4.29 29.13
CA ARG B 170 23.04 -3.39 29.67
C ARG B 170 23.70 -2.58 28.57
N VAL B 171 24.44 -1.54 28.95
CA VAL B 171 25.17 -0.75 27.97
C VAL B 171 26.33 -1.65 27.57
N LEU B 172 26.45 -1.90 26.27
CA LEU B 172 27.49 -2.78 25.78
C LEU B 172 28.79 -2.03 25.48
N LEU B 173 28.66 -0.82 24.96
CA LEU B 173 29.83 -0.02 24.61
C LEU B 173 29.46 1.46 24.63
N GLY B 174 30.42 2.31 24.95
CA GLY B 174 30.16 3.74 24.98
C GLY B 174 29.70 4.33 26.29
N LYS B 175 29.11 5.53 26.20
CA LYS B 175 28.63 6.25 27.36
C LYS B 175 27.46 5.58 28.05
N GLU B 176 27.41 5.70 29.38
CA GLU B 176 26.33 5.10 30.14
C GLU B 176 25.11 6.01 30.04
N LYS B 177 24.30 5.81 29.01
CA LYS B 177 23.09 6.59 28.78
C LYS B 177 21.96 5.64 28.44
N TYR B 178 20.77 5.90 28.98
CA TYR B 178 19.63 5.04 28.73
C TYR B 178 18.40 5.71 28.12
N ARG B 179 18.28 7.00 28.32
CA ARG B 179 17.10 7.74 27.84
C ARG B 179 17.37 8.88 26.89
N THR B 180 16.43 9.08 25.96
CA THR B 180 16.54 10.17 25.00
C THR B 180 15.14 10.54 24.50
N ILE B 181 14.97 11.77 24.04
CA ILE B 181 13.69 12.22 23.53
C ILE B 181 13.80 12.25 22.02
N ILE B 182 12.95 11.50 21.33
CA ILE B 182 13.00 11.47 19.89
C ILE B 182 11.89 12.31 19.28
N GLN B 183 12.14 12.79 18.08
CA GLN B 183 11.18 13.60 17.35
C GLN B 183 10.66 12.77 16.18
N GLU B 184 9.34 12.66 16.05
CA GLU B 184 8.74 11.94 14.93
C GLU B 184 7.71 12.90 14.38
N GLY B 185 8.03 13.56 13.27
CA GLY B 185 7.12 14.54 12.72
C GLY B 185 7.07 15.66 13.75
N ARG B 186 5.88 16.09 14.15
CA ARG B 186 5.75 17.15 15.14
C ARG B 186 5.55 16.62 16.55
N ALA B 187 5.70 15.31 16.72
CA ALA B 187 5.51 14.69 18.02
C ALA B 187 6.84 14.29 18.67
N LYS B 188 6.88 14.33 20.00
CA LYS B 188 8.06 13.95 20.76
C LYS B 188 7.76 12.72 21.60
N PHE B 189 8.73 11.83 21.73
CA PHE B 189 8.51 10.62 22.52
C PHE B 189 9.71 10.28 23.38
N ILE B 190 9.43 9.86 24.61
CA ILE B 190 10.47 9.47 25.56
C ILE B 190 10.83 8.01 25.30
N VAL B 191 12.11 7.74 25.10
CA VAL B 191 12.56 6.38 24.87
C VAL B 191 13.59 6.02 25.92
N ASP B 192 13.34 4.92 26.64
CA ASP B 192 14.25 4.46 27.67
C ASP B 192 14.57 3.01 27.33
N ARG B 194 15.85 0.78 29.13
CA ARG B 194 15.60 -0.12 30.24
C ARG B 194 14.13 -0.52 30.35
N GLY B 195 13.88 -1.81 30.49
CA GLY B 195 12.52 -2.29 30.60
C GLY B 195 11.88 -2.54 29.24
N GLN B 196 10.57 -2.79 29.24
CA GLN B 196 9.85 -3.05 28.00
C GLN B 196 8.60 -2.19 27.84
N LYS B 197 8.31 -1.36 28.83
CA LYS B 197 7.13 -0.49 28.78
C LYS B 197 7.44 1.00 28.79
N THR B 198 8.61 1.37 28.29
CA THR B 198 9.02 2.76 28.22
C THR B 198 9.72 2.92 26.87
N GLY B 199 9.29 2.08 25.92
CA GLY B 199 9.87 2.09 24.60
C GLY B 199 9.01 2.72 23.53
N PHE B 200 9.44 2.52 22.28
CA PHE B 200 8.76 3.07 21.12
C PHE B 200 9.18 2.21 19.94
N PHE B 201 8.22 1.73 19.16
CA PHE B 201 8.53 0.91 18.00
C PHE B 201 8.58 1.74 16.73
N LEU B 202 9.67 1.61 16.00
CA LEU B 202 9.88 2.38 14.79
C LEU B 202 9.18 1.85 13.53
N ASP B 203 8.72 0.61 13.56
CA ASP B 203 8.07 0.07 12.36
C ASP B 203 6.78 0.77 11.92
N GLN B 204 6.08 1.39 12.87
CA GLN B 204 4.81 2.09 12.58
C GLN B 204 4.99 3.57 12.23
N ARG B 205 6.23 4.02 12.11
CA ARG B 205 6.52 5.43 11.81
C ARG B 205 5.70 6.07 10.69
N GLU B 206 5.75 5.50 9.49
CA GLU B 206 5.02 6.05 8.37
C GLU B 206 3.52 6.02 8.57
N ASN B 207 3.03 4.97 9.24
CA ASN B 207 1.59 4.87 9.46
C ASN B 207 1.12 5.88 10.48
N ARG B 208 1.92 6.13 11.52
CA ARG B 208 1.55 7.12 12.54
C ARG B 208 1.53 8.50 11.89
N LEU B 209 2.50 8.76 11.03
CA LEU B 209 2.57 10.04 10.33
C LEU B 209 1.38 10.21 9.38
N ALA B 210 0.97 9.11 8.75
CA ALA B 210 -0.14 9.14 7.80
C ALA B 210 -1.48 9.46 8.43
N LEU B 211 -1.61 9.19 9.73
CA LEU B 211 -2.86 9.45 10.43
C LEU B 211 -3.19 10.95 10.56
N GLU B 212 -2.16 11.77 10.68
CA GLU B 212 -2.33 13.22 10.83
C GLU B 212 -3.37 13.85 9.90
N LYS B 213 -3.19 13.65 8.59
CA LYS B 213 -4.09 14.22 7.58
C LYS B 213 -5.57 13.90 7.73
N TRP B 214 -5.89 12.82 8.44
CA TRP B 214 -7.28 12.42 8.59
C TRP B 214 -7.99 12.98 9.81
N VAL B 215 -7.23 13.58 10.71
CA VAL B 215 -7.79 14.14 11.93
C VAL B 215 -8.39 15.52 11.72
N GLN B 216 -9.65 15.67 12.13
CA GLN B 216 -10.37 16.94 12.00
C GLN B 216 -10.55 17.55 13.39
N PRO B 217 -10.39 18.87 13.51
CA PRO B 217 -10.56 19.44 14.84
C PRO B 217 -11.92 19.06 15.42
N GLY B 218 -11.94 18.71 16.71
CA GLY B 218 -13.17 18.31 17.36
C GLY B 218 -13.36 16.80 17.35
N ASP B 219 -12.53 16.10 16.60
CA ASP B 219 -12.61 14.65 16.51
C ASP B 219 -12.46 13.92 17.85
N ARG B 220 -13.14 12.79 17.95
CA ARG B 220 -13.07 11.93 19.13
C ARG B 220 -12.36 10.68 18.58
N VAL B 221 -11.27 10.27 19.23
CA VAL B 221 -10.49 9.14 18.77
C VAL B 221 -10.30 8.06 19.83
N LEU B 222 -10.33 6.80 19.40
CA LEU B 222 -10.13 5.66 20.30
C LEU B 222 -8.93 4.84 19.82
N ASP B 223 -7.94 4.69 20.70
CA ASP B 223 -6.73 3.90 20.39
C ASP B 223 -6.82 2.67 21.30
N VAL B 224 -7.29 1.56 20.75
CA VAL B 224 -7.52 0.34 21.52
C VAL B 224 -6.32 -0.37 22.17
N PHE B 225 -5.17 -0.38 21.50
CA PHE B 225 -3.96 -0.99 22.06
C PHE B 225 -2.92 0.10 21.92
N THR B 226 -3.04 1.13 22.75
CA THR B 226 -2.18 2.31 22.67
C THR B 226 -0.71 2.17 23.07
N TYR B 227 -0.38 1.18 23.89
CA TYR B 227 1.00 0.99 24.34
C TYR B 227 1.50 2.31 24.92
N THR B 228 2.61 2.86 24.41
CA THR B 228 3.12 4.11 24.97
C THR B 228 2.53 5.38 24.36
N GLY B 229 1.45 5.23 23.59
CA GLY B 229 0.76 6.37 23.02
C GLY B 229 1.08 6.84 21.61
N GLY B 230 1.84 6.05 20.86
CA GLY B 230 2.21 6.45 19.49
C GLY B 230 1.11 7.09 18.66
N PHE B 231 0.10 6.31 18.29
CA PHE B 231 -0.98 6.85 17.46
C PHE B 231 -1.81 7.89 18.20
N ALA B 232 -2.08 7.63 19.47
CA ALA B 232 -2.88 8.53 20.28
C ALA B 232 -2.30 9.94 20.33
N ILE B 233 -0.99 10.03 20.56
CA ILE B 233 -0.32 11.31 20.64
C ILE B 233 -0.39 12.06 19.32
N HIS B 234 -0.14 11.37 18.20
CA HIS B 234 -0.20 12.01 16.89
C HIS B 234 -1.60 12.55 16.61
N ALA B 235 -2.62 11.82 17.05
CA ALA B 235 -3.99 12.25 16.83
C ALA B 235 -4.30 13.50 17.65
N ALA B 236 -3.81 13.52 18.89
CA ALA B 236 -4.04 14.65 19.78
C ALA B 236 -3.39 15.93 19.26
N ILE B 237 -2.13 15.85 18.83
CA ILE B 237 -1.46 17.05 18.34
C ILE B 237 -2.05 17.50 17.00
N ALA B 238 -2.63 16.56 16.26
CA ALA B 238 -3.23 16.87 14.96
C ALA B 238 -4.56 17.63 15.10
N GLY B 239 -5.06 17.70 16.33
CA GLY B 239 -6.30 18.43 16.55
C GLY B 239 -7.48 17.70 17.15
N ALA B 240 -7.31 16.44 17.54
CA ALA B 240 -8.40 15.69 18.13
C ALA B 240 -8.79 16.34 19.46
N ASP B 241 -10.09 16.43 19.71
CA ASP B 241 -10.60 17.04 20.93
C ASP B 241 -10.48 16.09 22.13
N GLU B 242 -10.70 14.81 21.87
CA GLU B 242 -10.61 13.80 22.90
C GLU B 242 -10.02 12.55 22.31
N VAL B 243 -9.07 11.95 23.03
CA VAL B 243 -8.45 10.71 22.58
C VAL B 243 -8.45 9.75 23.76
N ILE B 244 -9.04 8.57 23.55
CA ILE B 244 -9.07 7.58 24.61
C ILE B 244 -8.09 6.48 24.23
N GLY B 245 -7.12 6.24 25.10
CA GLY B 245 -6.13 5.20 24.84
C GLY B 245 -6.22 4.08 25.84
N ILE B 246 -6.34 2.84 25.35
CA ILE B 246 -6.44 1.69 26.23
C ILE B 246 -5.24 0.76 26.10
N ASP B 247 -4.79 0.21 27.22
CA ASP B 247 -3.70 -0.74 27.20
C ASP B 247 -3.74 -1.58 28.48
N LYS B 248 -3.28 -2.81 28.37
CA LYS B 248 -3.28 -3.73 29.51
C LYS B 248 -2.16 -3.45 30.50
N SER B 249 -1.08 -2.85 30.03
CA SER B 249 0.07 -2.57 30.88
C SER B 249 0.03 -1.23 31.62
N PRO B 250 0.07 -1.28 32.96
CA PRO B 250 0.04 -0.06 33.77
C PRO B 250 1.28 0.80 33.53
N ARG B 251 2.41 0.15 33.27
CA ARG B 251 3.65 0.86 33.03
C ARG B 251 3.61 1.59 31.67
N ALA B 252 3.06 0.92 30.67
CA ALA B 252 2.95 1.51 29.33
C ALA B 252 2.12 2.77 29.40
N ILE B 253 1.04 2.73 30.18
CA ILE B 253 0.16 3.87 30.34
C ILE B 253 0.88 5.00 31.07
N GLU B 254 1.75 4.66 32.00
CA GLU B 254 2.49 5.69 32.72
C GLU B 254 3.40 6.42 31.74
N THR B 255 3.95 5.69 30.79
CA THR B 255 4.81 6.29 29.78
C THR B 255 3.96 7.13 28.84
N ALA B 256 2.79 6.62 28.50
CA ALA B 256 1.88 7.34 27.60
C ALA B 256 1.53 8.69 28.22
N LYS B 257 1.34 8.71 29.54
CA LYS B 257 0.99 9.95 30.23
C LYS B 257 2.17 10.92 30.21
N GLU B 258 3.39 10.40 30.31
CA GLU B 258 4.57 11.25 30.28
C GLU B 258 4.74 11.81 28.86
N ASN B 259 4.42 11.01 27.86
CA ASN B 259 4.52 11.48 26.49
C ASN B 259 3.48 12.57 26.21
N ALA B 260 2.29 12.42 26.80
CA ALA B 260 1.23 13.40 26.61
C ALA B 260 1.65 14.73 27.22
N LYS B 261 2.32 14.67 28.35
CA LYS B 261 2.80 15.88 29.03
C LYS B 261 3.86 16.56 28.19
N LEU B 262 4.76 15.75 27.63
CA LEU B 262 5.85 16.23 26.80
C LEU B 262 5.34 16.96 25.55
N ASN B 263 4.20 16.53 25.02
CA ASN B 263 3.63 17.13 23.83
C ASN B 263 2.55 18.17 24.12
N GLY B 264 2.31 18.42 25.40
CA GLY B 264 1.30 19.39 25.82
C GLY B 264 -0.13 19.03 25.48
N VAL B 265 -0.44 17.74 25.46
CA VAL B 265 -1.80 17.31 25.13
C VAL B 265 -2.49 16.50 26.22
N GLU B 266 -1.98 16.61 27.43
CA GLU B 266 -2.55 15.88 28.55
C GLU B 266 -4.05 16.12 28.74
N ASP B 267 -4.52 17.35 28.46
CA ASP B 267 -5.94 17.64 28.65
C ASP B 267 -6.87 17.11 27.56
N ARG B 268 -6.29 16.57 26.49
CA ARG B 268 -7.10 16.03 25.40
C ARG B 268 -7.20 14.52 25.49
N LYS B 270 -7.48 10.58 27.64
CA LYS B 270 -7.97 9.76 28.73
C LYS B 270 -7.36 8.38 28.56
N PHE B 271 -6.63 7.93 29.57
CA PHE B 271 -6.01 6.62 29.51
C PHE B 271 -6.72 5.60 30.39
N ILE B 272 -6.88 4.40 29.86
CA ILE B 272 -7.55 3.31 30.57
C ILE B 272 -6.69 2.07 30.61
N VAL B 273 -6.42 1.56 31.81
CA VAL B 273 -5.64 0.34 31.95
C VAL B 273 -6.66 -0.80 32.02
N GLY B 274 -6.66 -1.66 31.00
CA GLY B 274 -7.60 -2.77 30.99
C GLY B 274 -7.55 -3.61 29.73
N SER B 275 -8.49 -4.54 29.64
CA SER B 275 -8.60 -5.43 28.49
C SER B 275 -9.31 -4.76 27.34
N ALA B 276 -8.75 -4.90 26.14
CA ALA B 276 -9.32 -4.31 24.94
C ALA B 276 -10.79 -4.65 24.74
N PHE B 277 -11.12 -5.93 24.76
CA PHE B 277 -12.51 -6.36 24.56
C PHE B 277 -13.47 -5.87 25.62
N GLU B 278 -13.06 -5.98 26.88
CA GLU B 278 -13.91 -5.54 27.99
C GLU B 278 -14.17 -4.04 27.93
N GLU B 279 -13.14 -3.27 27.61
CA GLU B 279 -13.26 -1.83 27.54
C GLU B 279 -14.08 -1.37 26.33
N GLU B 281 -16.49 -3.18 25.01
CA GLU B 281 -17.85 -3.60 25.29
C GLU B 281 -18.53 -2.53 26.15
N LYS B 282 -17.77 -1.95 27.07
CA LYS B 282 -18.30 -0.91 27.95
C LYS B 282 -18.71 0.30 27.13
N LEU B 283 -17.89 0.65 26.14
CA LEU B 283 -18.18 1.79 25.27
C LEU B 283 -19.37 1.48 24.38
N GLN B 284 -19.43 0.25 23.89
CA GLN B 284 -20.52 -0.19 23.02
C GLN B 284 -21.85 -0.07 23.77
N LYS B 285 -21.83 -0.50 25.03
CA LYS B 285 -23.02 -0.47 25.89
C LYS B 285 -23.56 0.94 26.04
N LYS B 286 -22.67 1.92 26.15
CA LYS B 286 -23.08 3.32 26.31
C LYS B 286 -23.40 3.95 24.96
N GLY B 287 -23.22 3.18 23.88
CA GLY B 287 -23.50 3.70 22.55
C GLY B 287 -22.50 4.76 22.11
N GLU B 288 -21.26 4.63 22.58
CA GLU B 288 -20.22 5.60 22.23
C GLU B 288 -19.78 5.42 20.78
N LYS B 289 -19.57 6.53 20.08
CA LYS B 289 -19.12 6.49 18.70
C LYS B 289 -17.89 7.38 18.58
N PHE B 290 -16.99 7.02 17.68
CA PHE B 290 -15.76 7.78 17.49
C PHE B 290 -15.52 8.15 16.04
N ASP B 291 -14.86 9.27 15.82
CA ASP B 291 -14.53 9.72 14.47
C ASP B 291 -13.45 8.82 13.89
N ILE B 292 -12.57 8.34 14.76
CA ILE B 292 -11.49 7.45 14.33
C ILE B 292 -11.24 6.40 15.40
N VAL B 293 -11.11 5.15 14.98
CA VAL B 293 -10.81 4.06 15.89
C VAL B 293 -9.54 3.42 15.34
N VAL B 294 -8.53 3.26 16.20
CA VAL B 294 -7.27 2.65 15.78
C VAL B 294 -7.08 1.31 16.46
N LEU B 295 -6.89 0.26 15.65
CA LEU B 295 -6.70 -1.08 16.15
C LEU B 295 -5.31 -1.60 15.80
N ASP B 296 -4.45 -1.74 16.80
CA ASP B 296 -3.09 -2.24 16.60
C ASP B 296 -2.85 -3.37 17.58
N PRO B 297 -3.54 -4.51 17.38
CA PRO B 297 -3.43 -5.69 18.24
C PRO B 297 -2.11 -6.45 18.14
N PRO B 298 -1.84 -7.32 19.13
CA PRO B 298 -0.62 -8.11 19.14
C PRO B 298 -0.71 -9.19 18.07
N ALA B 299 0.42 -9.80 17.73
CA ALA B 299 0.44 -10.84 16.71
C ALA B 299 -0.34 -12.06 17.20
N PHE B 300 -1.58 -12.17 16.76
CA PHE B 300 -2.44 -13.29 17.14
C PHE B 300 -1.99 -14.62 16.53
N VAL B 301 -1.43 -14.56 15.32
CA VAL B 301 -0.97 -15.77 14.65
C VAL B 301 0.54 -15.94 14.77
N GLN B 302 0.97 -17.11 15.20
CA GLN B 302 2.39 -17.41 15.37
C GLN B 302 2.81 -18.64 14.57
N HIS B 303 1.84 -19.38 14.04
CA HIS B 303 2.12 -20.57 13.26
C HIS B 303 1.08 -20.77 12.16
N GLU B 304 1.52 -21.26 11.01
CA GLU B 304 0.61 -21.48 9.88
C GLU B 304 -0.63 -22.24 10.33
N LYS B 305 -0.43 -23.24 11.19
CA LYS B 305 -1.53 -24.06 11.69
C LYS B 305 -2.47 -23.32 12.64
N ASP B 306 -2.03 -22.17 13.15
CA ASP B 306 -2.85 -21.39 14.08
C ASP B 306 -3.55 -20.21 13.42
N LEU B 307 -3.89 -20.37 12.15
CA LEU B 307 -4.56 -19.31 11.41
C LEU B 307 -6.04 -19.21 11.78
N LYS B 308 -6.70 -20.35 11.94
CA LYS B 308 -8.12 -20.35 12.27
C LYS B 308 -8.42 -19.58 13.55
N ALA B 309 -7.77 -19.95 14.64
CA ALA B 309 -8.00 -19.28 15.92
C ALA B 309 -7.50 -17.84 15.91
N GLY B 310 -6.34 -17.63 15.28
CA GLY B 310 -5.76 -16.30 15.22
C GLY B 310 -6.59 -15.33 14.40
N LEU B 311 -7.10 -15.79 13.27
CA LEU B 311 -7.92 -14.96 12.40
C LEU B 311 -9.26 -14.69 13.04
N ARG B 312 -9.74 -15.64 13.84
CA ARG B 312 -11.02 -15.47 14.52
C ARG B 312 -10.88 -14.33 15.53
N ALA B 313 -9.71 -14.26 16.17
CA ALA B 313 -9.43 -13.22 17.15
C ALA B 313 -9.37 -11.86 16.46
N TYR B 314 -8.75 -11.79 15.29
CA TYR B 314 -8.68 -10.53 14.55
C TYR B 314 -10.09 -10.10 14.18
N PHE B 315 -10.88 -11.05 13.70
CA PHE B 315 -12.26 -10.79 13.31
C PHE B 315 -13.03 -10.16 14.47
N ASN B 316 -12.93 -10.77 15.63
CA ASN B 316 -13.63 -10.28 16.81
C ASN B 316 -13.22 -8.87 17.20
N VAL B 317 -11.92 -8.58 17.12
CA VAL B 317 -11.40 -7.25 17.46
C VAL B 317 -11.87 -6.21 16.44
N ASN B 318 -11.83 -6.57 15.17
CA ASN B 318 -12.25 -5.66 14.11
C ASN B 318 -13.76 -5.45 14.08
N PHE B 319 -14.52 -6.49 14.39
CA PHE B 319 -15.98 -6.36 14.42
C PHE B 319 -16.33 -5.38 15.54
N ALA B 320 -15.71 -5.58 16.71
CA ALA B 320 -15.95 -4.72 17.87
C ALA B 320 -15.50 -3.28 17.60
N GLY B 321 -14.39 -3.13 16.89
CA GLY B 321 -13.89 -1.81 16.57
C GLY B 321 -14.79 -1.10 15.58
N LEU B 322 -15.26 -1.83 14.58
CA LEU B 322 -16.15 -1.25 13.58
C LEU B 322 -17.43 -0.72 14.17
N ASN B 323 -17.98 -1.42 15.16
CA ASN B 323 -19.22 -0.98 15.78
C ASN B 323 -19.06 0.29 16.61
N LEU B 324 -17.82 0.73 16.80
CA LEU B 324 -17.56 1.94 17.57
C LEU B 324 -17.26 3.14 16.66
N VAL B 325 -17.15 2.90 15.35
CA VAL B 325 -16.87 3.98 14.41
C VAL B 325 -18.17 4.66 13.95
N LYS B 326 -18.22 5.99 14.01
CA LYS B 326 -19.42 6.68 13.58
C LYS B 326 -19.58 6.58 12.06
N ASP B 327 -20.80 6.83 11.60
CA ASP B 327 -21.08 6.79 10.16
C ASP B 327 -20.24 7.92 9.56
N GLY B 328 -19.43 7.60 8.57
CA GLY B 328 -18.59 8.60 7.95
C GLY B 328 -17.27 8.71 8.69
N GLY B 329 -17.04 7.76 9.60
CA GLY B 329 -15.81 7.75 10.38
C GLY B 329 -14.69 6.93 9.76
N ILE B 330 -13.59 6.80 10.48
CA ILE B 330 -12.43 6.07 9.97
C ILE B 330 -11.93 4.95 10.90
N LEU B 331 -11.61 3.80 10.31
CA LEU B 331 -11.06 2.69 11.07
C LEU B 331 -9.64 2.44 10.58
N VAL B 332 -8.68 2.50 11.49
CA VAL B 332 -7.29 2.22 11.14
C VAL B 332 -7.02 0.87 11.79
N THR B 333 -6.76 -0.14 10.98
CA THR B 333 -6.55 -1.47 11.53
C THR B 333 -5.31 -2.15 10.94
N CYS B 334 -4.56 -2.84 11.78
CA CYS B 334 -3.37 -3.50 11.30
C CYS B 334 -3.11 -4.86 11.94
N SER B 335 -2.15 -5.56 11.38
CA SER B 335 -1.76 -6.88 11.85
C SER B 335 -0.25 -7.01 11.71
N CYS B 336 0.40 -7.54 12.74
CA CYS B 336 1.84 -7.73 12.68
C CYS B 336 2.20 -9.21 12.69
N SER B 337 1.19 -10.06 12.42
CA SER B 337 1.39 -11.50 12.36
C SER B 337 2.01 -11.85 11.01
N GLN B 338 3.24 -12.35 11.02
CA GLN B 338 3.93 -12.71 9.78
C GLN B 338 3.14 -13.74 8.96
N HIS B 339 2.51 -14.69 9.64
CA HIS B 339 1.76 -15.75 8.98
C HIS B 339 0.46 -15.33 8.31
N VAL B 340 0.00 -14.11 8.58
CA VAL B 340 -1.21 -13.63 7.95
C VAL B 340 -0.80 -12.71 6.81
N ASP B 341 -1.09 -13.12 5.57
CA ASP B 341 -0.72 -12.27 4.45
C ASP B 341 -1.78 -11.23 4.20
N LEU B 342 -1.49 -10.29 3.31
CA LEU B 342 -2.43 -9.21 3.01
C LEU B 342 -3.82 -9.68 2.60
N GLN B 343 -3.89 -10.66 1.70
CA GLN B 343 -5.20 -11.15 1.25
C GLN B 343 -6.02 -11.75 2.37
N PHE B 345 -5.79 -10.96 5.52
CA PHE B 345 -6.18 -9.85 6.37
C PHE B 345 -7.36 -9.12 5.72
N LYS B 346 -7.28 -8.90 4.41
CA LYS B 346 -8.35 -8.22 3.69
C LYS B 346 -9.67 -9.00 3.81
N ASP B 347 -9.60 -10.30 3.56
CA ASP B 347 -10.80 -11.14 3.63
C ASP B 347 -11.44 -11.10 5.01
N ILE B 349 -11.24 -8.54 7.11
CA ILE B 349 -11.83 -7.21 7.26
C ILE B 349 -13.16 -7.16 6.50
N ILE B 350 -13.18 -7.74 5.32
CA ILE B 350 -14.38 -7.78 4.50
C ILE B 350 -15.49 -8.52 5.25
N ALA B 351 -15.12 -9.63 5.90
CA ALA B 351 -16.08 -10.42 6.65
C ALA B 351 -16.64 -9.63 7.85
N ALA B 352 -15.77 -8.90 8.53
CA ALA B 352 -16.17 -8.11 9.67
C ALA B 352 -17.13 -6.99 9.23
N GLY B 353 -16.80 -6.37 8.10
CA GLY B 353 -17.64 -5.30 7.58
C GLY B 353 -19.01 -5.79 7.16
N ALA B 354 -19.08 -6.99 6.59
CA ALA B 354 -20.35 -7.56 6.16
C ALA B 354 -21.22 -7.85 7.37
N LYS B 355 -20.61 -8.37 8.43
CA LYS B 355 -21.36 -8.68 9.64
C LYS B 355 -21.86 -7.44 10.37
N ALA B 356 -21.06 -6.38 10.36
CA ALA B 356 -21.43 -5.14 11.02
C ALA B 356 -22.31 -4.27 10.12
N GLY B 357 -22.50 -4.73 8.88
CA GLY B 357 -23.31 -3.98 7.94
C GLY B 357 -22.69 -2.64 7.55
N LYS B 358 -21.39 -2.64 7.30
CA LYS B 358 -20.69 -1.41 6.94
C LYS B 358 -19.99 -1.51 5.58
N PHE B 359 -20.06 -0.44 4.81
CA PHE B 359 -19.35 -0.38 3.54
C PHE B 359 -17.99 0.20 3.95
N LEU B 360 -16.90 -0.31 3.38
CA LEU B 360 -15.57 0.17 3.73
C LEU B 360 -14.80 0.61 2.49
N LYS B 361 -14.30 1.85 2.51
CA LYS B 361 -13.54 2.39 1.38
C LYS B 361 -12.13 2.72 1.82
N LEU B 363 -8.75 4.70 2.16
CA LEU B 363 -8.31 6.07 2.14
C LEU B 363 -6.83 6.19 1.81
N GLU B 364 -6.09 5.14 2.13
CA GLU B 364 -4.64 5.10 1.92
C GLU B 364 -4.28 3.86 1.12
N PRO B 365 -3.03 3.77 0.65
CA PRO B 365 -2.63 2.57 -0.09
C PRO B 365 -2.53 1.43 0.92
N TYR B 366 -2.19 0.23 0.48
CA TYR B 366 -2.06 -0.87 1.45
C TYR B 366 -0.77 -0.58 2.19
N ARG B 367 -0.89 -0.05 3.40
CA ARG B 367 0.28 0.31 4.17
C ARG B 367 1.01 -0.83 4.86
N THR B 368 2.28 -0.60 5.11
CA THR B 368 3.17 -1.61 5.67
C THR B 368 4.14 -1.03 6.70
N GLN B 369 5.12 -1.84 7.07
CA GLN B 369 6.15 -1.45 8.01
C GLN B 369 6.95 -0.33 7.33
N ALA B 370 7.58 0.52 8.12
CA ALA B 370 8.38 1.62 7.57
C ALA B 370 9.51 1.00 6.73
N PRO B 371 9.99 1.73 5.70
CA PRO B 371 11.06 1.23 4.84
C PRO B 371 12.43 0.97 5.46
N ASP B 372 12.62 1.38 6.71
CA ASP B 372 13.89 1.10 7.40
C ASP B 372 13.84 -0.34 7.96
N HIS B 373 12.72 -1.01 7.68
CA HIS B 373 12.50 -2.42 8.01
C HIS B 373 12.18 -2.93 6.60
N PRO B 374 13.18 -2.90 5.70
CA PRO B 374 13.06 -3.32 4.31
C PRO B 374 12.35 -4.62 4.01
N ILE B 375 11.40 -4.56 3.09
CA ILE B 375 10.68 -5.75 2.65
C ILE B 375 11.42 -6.19 1.39
N LEU B 376 12.08 -7.34 1.48
CA LEU B 376 12.81 -7.91 0.34
C LEU B 376 11.86 -8.77 -0.46
N ALA B 378 12.46 -11.00 -2.56
CA ALA B 378 12.92 -12.38 -2.60
C ALA B 378 12.92 -13.08 -1.24
N SER B 379 12.33 -12.45 -0.22
CA SER B 379 12.29 -13.04 1.11
C SER B 379 11.02 -12.65 1.86
N LYS B 380 9.96 -13.42 1.64
CA LYS B 380 8.66 -13.18 2.26
C LYS B 380 8.72 -12.94 3.77
N ASP B 381 9.66 -13.61 4.43
CA ASP B 381 9.81 -13.48 5.88
C ASP B 381 10.13 -12.07 6.39
N THR B 382 10.61 -11.20 5.51
CA THR B 382 10.93 -9.83 5.93
C THR B 382 9.70 -8.96 6.11
N GLU B 383 8.58 -9.36 5.49
CA GLU B 383 7.35 -8.58 5.59
C GLU B 383 6.41 -9.12 6.66
N TYR B 384 5.90 -8.25 7.54
CA TYR B 384 5.02 -8.74 8.59
C TYR B 384 3.88 -7.81 8.97
N LEU B 385 4.03 -6.52 8.69
CA LEU B 385 3.00 -5.55 9.07
C LEU B 385 2.07 -5.15 7.94
N LYS B 386 0.76 -5.22 8.21
CA LYS B 386 -0.24 -4.81 7.22
C LYS B 386 -1.08 -3.76 7.94
N CYS B 387 -1.41 -2.69 7.24
CA CYS B 387 -2.18 -1.62 7.85
C CYS B 387 -3.14 -1.02 6.83
N LEU B 388 -4.40 -0.86 7.22
CA LEU B 388 -5.41 -0.28 6.33
C LEU B 388 -6.11 0.89 6.99
N PHE B 389 -6.37 1.93 6.21
CA PHE B 389 -7.09 3.12 6.67
C PHE B 389 -8.39 3.04 5.87
N LEU B 390 -9.50 2.86 6.56
CA LEU B 390 -10.79 2.69 5.91
C LEU B 390 -11.87 3.70 6.29
N TYR B 391 -12.60 4.19 5.29
CA TYR B 391 -13.70 5.11 5.52
C TYR B 391 -14.90 4.18 5.75
N VAL B 392 -15.63 4.40 6.84
CA VAL B 392 -16.76 3.55 7.22
C VAL B 392 -18.13 4.19 7.01
N GLU B 393 -19.01 3.49 6.30
CA GLU B 393 -20.36 3.95 6.04
C GLU B 393 -21.38 2.86 6.37
N ASP B 394 -22.48 3.22 7.02
CA ASP B 394 -23.52 2.24 7.35
C ASP B 394 -24.17 1.78 6.05
N ARG B 396 -27.10 0.31 5.79
CA ARG B 396 -28.52 0.68 5.88
C ARG B 396 -28.69 2.18 6.04
#